data_2OA6
#
_entry.id   2OA6
#
_cell.length_a   60.920
_cell.length_b   147.499
_cell.length_c   82.571
_cell.angle_alpha   90.00
_cell.angle_beta   96.71
_cell.angle_gamma   90.00
#
_symmetry.space_group_name_H-M   'P 1 21 1'
#
loop_
_entity.id
_entity.type
_entity.pdbx_description
1 polymer 'Aristolochene synthase'
2 non-polymer BETA-MERCAPTOETHANOL
3 non-polymer 'MAGNESIUM ION'
4 non-polymer 'PYROPHOSPHATE 2-'
5 non-polymer GLYCEROL
6 water water
#
_entity_poly.entity_id   1
_entity_poly.type   'polypeptide(L)'
_entity_poly.pdbx_seq_one_letter_code
;MKKPNGTNGASSSLEPPPSTFQPLCHPLVEEVSKEVDGYFLQHWNFPNEKARKKFVAAGFSRVTCLYFPKALDDRIHFAC
RLLTVLFLIDDLLEYMSFEEGSAYNEKLIPISRGDVLPDRSIPVEYIIYDLWESMRAHDREMADEILEPVFLFMRAQTDR
TRARPMGLGGYLEYRERDVGKELLAALMRFSMGLKLSPSELQRVREIDANCSKHLSVVNDIYSYEKELYTSKTAHSEGGI
LCTSVQILAQEADVTAEAAKRVLFVMCREWELRHQLLVARLSAEGLETPGLAAYVEGLEYQMSGNELWSQTTLRYSVVVD
;
_entity_poly.pdbx_strand_id   A,B,C,D
#
loop_
_chem_comp.id
_chem_comp.type
_chem_comp.name
_chem_comp.formula
BME non-polymer BETA-MERCAPTOETHANOL 'C2 H6 O S'
GOL non-polymer GLYCEROL 'C3 H8 O3'
MG non-polymer 'MAGNESIUM ION' 'Mg 2'
POP non-polymer 'PYROPHOSPHATE 2-' 'H2 O7 P2 -2'
#
# COMPACT_ATOMS: atom_id res chain seq x y z
N SER A 13 -15.06 20.91 -19.53
CA SER A 13 -13.59 20.84 -19.81
C SER A 13 -13.09 19.40 -19.80
N LEU A 14 -13.75 18.54 -19.02
CA LEU A 14 -13.35 17.13 -18.95
C LEU A 14 -14.01 16.43 -20.13
N GLU A 15 -13.23 16.04 -21.12
CA GLU A 15 -13.77 15.38 -22.30
C GLU A 15 -13.64 13.88 -22.22
N PRO A 16 -14.78 13.17 -22.18
CA PRO A 16 -14.75 11.72 -22.10
C PRO A 16 -14.06 11.08 -23.30
N PRO A 17 -13.21 10.08 -23.04
CA PRO A 17 -12.54 9.43 -24.17
C PRO A 17 -13.53 8.52 -24.91
N PRO A 18 -13.22 8.15 -26.15
CA PRO A 18 -14.07 7.27 -26.96
C PRO A 18 -14.57 6.03 -26.23
N SER A 19 -15.79 5.60 -26.55
CA SER A 19 -16.37 4.41 -25.92
C SER A 19 -17.31 3.63 -26.84
N THR A 20 -17.24 2.30 -26.80
CA THR A 20 -18.12 1.50 -27.62
C THR A 20 -19.49 1.39 -26.97
N PHE A 21 -19.67 1.99 -25.79
CA PHE A 21 -20.96 1.95 -25.10
C PHE A 21 -21.75 3.23 -25.31
N GLN A 22 -23.06 3.17 -25.13
CA GLN A 22 -23.88 4.36 -25.28
C GLN A 22 -25.02 4.31 -24.26
N PRO A 23 -25.40 5.46 -23.72
CA PRO A 23 -26.49 5.46 -22.73
C PRO A 23 -27.85 5.17 -23.39
N LEU A 24 -28.77 4.59 -22.64
CA LEU A 24 -30.10 4.24 -23.14
C LEU A 24 -31.11 4.43 -22.03
N CYS A 25 -32.29 4.92 -22.38
CA CYS A 25 -33.32 5.13 -21.38
C CYS A 25 -34.54 4.27 -21.65
N HIS A 26 -35.13 3.74 -20.58
CA HIS A 26 -36.30 2.88 -20.69
C HIS A 26 -37.37 3.56 -21.53
N PRO A 27 -37.93 2.83 -22.51
CA PRO A 27 -38.99 3.27 -23.43
C PRO A 27 -40.14 3.99 -22.72
N LEU A 28 -40.61 3.40 -21.63
CA LEU A 28 -41.72 3.95 -20.86
C LEU A 28 -41.34 4.94 -19.81
N VAL A 29 -40.13 5.50 -19.90
CA VAL A 29 -39.68 6.45 -18.89
C VAL A 29 -40.68 7.59 -18.63
N GLU A 30 -41.26 8.14 -19.69
CA GLU A 30 -42.21 9.24 -19.51
C GLU A 30 -43.41 8.80 -18.68
N GLU A 31 -44.04 7.70 -19.09
CA GLU A 31 -45.21 7.14 -18.41
C GLU A 31 -44.92 6.89 -16.92
N VAL A 32 -43.97 6.01 -16.65
CA VAL A 32 -43.59 5.62 -15.30
C VAL A 32 -43.16 6.80 -14.43
N SER A 33 -42.39 7.72 -15.01
CA SER A 33 -41.94 8.88 -14.25
C SER A 33 -43.12 9.64 -13.64
N LYS A 34 -44.16 9.87 -14.43
CA LYS A 34 -45.36 10.58 -13.96
C LYS A 34 -46.01 9.75 -12.84
N GLU A 35 -46.19 8.47 -13.12
CA GLU A 35 -46.79 7.51 -12.19
C GLU A 35 -46.10 7.54 -10.81
N VAL A 36 -44.78 7.31 -10.80
CA VAL A 36 -44.01 7.29 -9.55
C VAL A 36 -43.81 8.65 -8.88
N ASP A 37 -43.61 9.69 -9.67
CA ASP A 37 -43.44 11.03 -9.10
C ASP A 37 -44.73 11.40 -8.38
N GLY A 38 -45.86 11.12 -9.04
CA GLY A 38 -47.15 11.43 -8.45
C GLY A 38 -47.30 10.74 -7.12
N TYR A 39 -47.21 9.41 -7.15
CA TYR A 39 -47.34 8.62 -5.93
C TYR A 39 -46.58 9.26 -4.76
N PHE A 40 -45.27 9.47 -4.92
CA PHE A 40 -44.51 10.06 -3.82
C PHE A 40 -44.95 11.46 -3.44
N LEU A 41 -45.40 12.24 -4.43
CA LEU A 41 -45.87 13.58 -4.13
C LEU A 41 -47.14 13.44 -3.29
N GLN A 42 -47.98 12.48 -3.68
CA GLN A 42 -49.21 12.25 -2.95
C GLN A 42 -48.94 11.72 -1.53
N HIS A 43 -47.93 10.88 -1.36
CA HIS A 43 -47.65 10.28 -0.05
C HIS A 43 -46.42 10.75 0.73
N TRP A 44 -45.30 10.95 0.05
CA TRP A 44 -44.08 11.38 0.74
C TRP A 44 -44.32 12.68 1.50
N ASN A 45 -43.61 12.86 2.62
CA ASN A 45 -43.77 14.05 3.45
C ASN A 45 -42.77 15.18 3.20
N PHE A 46 -42.90 15.87 2.08
CA PHE A 46 -42.00 16.97 1.78
C PHE A 46 -42.30 18.15 2.68
N PRO A 47 -41.27 18.74 3.31
CA PRO A 47 -41.40 19.88 4.21
C PRO A 47 -41.95 21.18 3.62
N ASN A 48 -41.92 21.30 2.30
CA ASN A 48 -42.40 22.51 1.63
C ASN A 48 -42.60 22.29 0.13
N GLU A 49 -43.21 23.26 -0.54
CA GLU A 49 -43.45 23.16 -1.97
C GLU A 49 -42.14 23.31 -2.75
N LYS A 50 -41.12 23.86 -2.08
CA LYS A 50 -39.82 24.04 -2.71
C LYS A 50 -39.18 22.67 -2.90
N ALA A 51 -39.03 21.95 -1.80
CA ALA A 51 -38.45 20.62 -1.80
C ALA A 51 -39.21 19.70 -2.77
N ARG A 52 -40.51 19.90 -2.85
CA ARG A 52 -41.34 19.12 -3.77
C ARG A 52 -40.83 19.36 -5.19
N LYS A 53 -40.74 20.62 -5.58
CA LYS A 53 -40.25 20.97 -6.92
C LYS A 53 -38.87 20.35 -7.12
N LYS A 54 -37.98 20.56 -6.15
CA LYS A 54 -36.64 20.01 -6.24
C LYS A 54 -36.75 18.52 -6.51
N PHE A 55 -37.65 17.85 -5.79
CA PHE A 55 -37.84 16.43 -5.94
C PHE A 55 -38.25 16.07 -7.36
N VAL A 56 -39.18 16.84 -7.91
CA VAL A 56 -39.65 16.57 -9.26
C VAL A 56 -38.56 16.69 -10.30
N ALA A 57 -37.74 17.71 -10.18
CA ALA A 57 -36.65 17.94 -11.11
C ALA A 57 -35.51 16.93 -10.91
N ALA A 58 -35.39 16.36 -9.73
CA ALA A 58 -34.35 15.36 -9.46
C ALA A 58 -34.63 14.16 -10.35
N GLY A 59 -35.92 13.91 -10.57
CA GLY A 59 -36.34 12.81 -11.42
C GLY A 59 -35.70 11.45 -11.14
N PHE A 60 -35.81 11.01 -9.90
CA PHE A 60 -35.24 9.73 -9.52
C PHE A 60 -35.71 8.59 -10.43
N SER A 61 -36.91 8.69 -10.98
CA SER A 61 -37.40 7.63 -11.84
C SER A 61 -36.72 7.68 -13.20
N ARG A 62 -36.39 8.87 -13.67
CA ARG A 62 -35.73 9.02 -14.96
C ARG A 62 -34.32 8.45 -14.87
N VAL A 63 -33.70 8.62 -13.71
CA VAL A 63 -32.37 8.09 -13.46
C VAL A 63 -32.45 6.55 -13.49
N THR A 64 -33.46 6.02 -12.81
CA THR A 64 -33.67 4.59 -12.74
C THR A 64 -33.86 4.03 -14.14
N CYS A 65 -34.60 4.74 -14.98
CA CYS A 65 -34.83 4.30 -16.35
C CYS A 65 -33.54 4.36 -17.17
N LEU A 66 -32.64 5.24 -16.75
CA LEU A 66 -31.36 5.39 -17.41
C LEU A 66 -30.49 4.17 -17.05
N TYR A 67 -30.60 3.70 -15.81
CA TYR A 67 -29.82 2.55 -15.34
C TYR A 67 -30.38 1.20 -15.74
N PHE A 68 -31.70 1.11 -15.81
CA PHE A 68 -32.36 -0.15 -16.17
C PHE A 68 -33.20 0.05 -17.42
N PRO A 69 -32.59 0.47 -18.53
CA PRO A 69 -33.33 0.70 -19.78
C PRO A 69 -33.92 -0.57 -20.40
N LYS A 70 -33.43 -1.71 -19.94
CA LYS A 70 -33.89 -2.99 -20.43
C LYS A 70 -34.89 -3.67 -19.51
N ALA A 71 -35.29 -3.00 -18.43
CA ALA A 71 -36.25 -3.59 -17.52
C ALA A 71 -37.59 -3.86 -18.22
N LEU A 72 -38.33 -4.85 -17.74
CA LEU A 72 -39.64 -5.19 -18.33
C LEU A 72 -40.56 -4.01 -18.12
N ASP A 73 -41.47 -3.78 -19.06
CA ASP A 73 -42.39 -2.66 -18.98
C ASP A 73 -43.27 -2.65 -17.74
N ASP A 74 -43.60 -3.84 -17.22
CA ASP A 74 -44.45 -3.91 -16.04
C ASP A 74 -43.66 -4.15 -14.75
N ARG A 75 -42.35 -4.00 -14.81
CA ARG A 75 -41.54 -4.17 -13.61
C ARG A 75 -40.73 -2.91 -13.37
N ILE A 76 -40.48 -2.16 -14.43
CA ILE A 76 -39.68 -0.95 -14.29
C ILE A 76 -40.19 -0.03 -13.22
N HIS A 77 -41.51 0.05 -13.04
CA HIS A 77 -42.03 0.95 -12.01
C HIS A 77 -41.63 0.52 -10.60
N PHE A 78 -41.44 -0.79 -10.37
CA PHE A 78 -41.05 -1.22 -9.03
C PHE A 78 -39.65 -0.69 -8.72
N ALA A 79 -38.78 -0.72 -9.74
CA ALA A 79 -37.40 -0.26 -9.61
C ALA A 79 -37.32 1.24 -9.32
N CYS A 80 -38.10 2.05 -10.03
CA CYS A 80 -38.08 3.50 -9.79
C CYS A 80 -38.61 3.82 -8.38
N ARG A 81 -39.63 3.09 -7.94
CA ARG A 81 -40.20 3.34 -6.63
C ARG A 81 -39.21 2.97 -5.55
N LEU A 82 -38.51 1.85 -5.72
CA LEU A 82 -37.56 1.41 -4.70
C LEU A 82 -36.39 2.38 -4.59
N LEU A 83 -35.78 2.75 -5.72
CA LEU A 83 -34.65 3.67 -5.68
C LEU A 83 -35.10 5.05 -5.23
N THR A 84 -36.33 5.42 -5.58
CA THR A 84 -36.82 6.73 -5.18
C THR A 84 -36.89 6.81 -3.67
N VAL A 85 -37.48 5.80 -3.03
CA VAL A 85 -37.59 5.87 -1.58
C VAL A 85 -36.22 5.71 -0.93
N LEU A 86 -35.36 4.85 -1.50
CA LEU A 86 -34.04 4.67 -0.92
C LEU A 86 -33.30 6.00 -1.00
N PHE A 87 -33.35 6.63 -2.17
CA PHE A 87 -32.69 7.91 -2.38
C PHE A 87 -33.26 8.99 -1.48
N LEU A 88 -34.59 9.05 -1.37
CA LEU A 88 -35.19 10.03 -0.49
C LEU A 88 -34.67 9.76 0.91
N ILE A 89 -34.58 8.49 1.28
CA ILE A 89 -34.08 8.17 2.60
C ILE A 89 -32.60 8.53 2.73
N ASP A 90 -31.82 8.23 1.69
CA ASP A 90 -30.40 8.56 1.70
C ASP A 90 -30.29 10.05 2.05
N ASP A 91 -30.86 10.90 1.19
CA ASP A 91 -30.85 12.35 1.43
C ASP A 91 -31.32 12.67 2.85
N LEU A 92 -32.31 11.91 3.33
CA LEU A 92 -32.87 12.13 4.66
C LEU A 92 -31.89 11.83 5.79
N LEU A 93 -31.16 10.72 5.68
CA LEU A 93 -30.20 10.34 6.70
C LEU A 93 -29.09 11.37 6.91
N GLU A 94 -28.86 12.19 5.88
CA GLU A 94 -27.84 13.22 5.94
C GLU A 94 -28.08 14.11 7.16
N TYR A 95 -29.33 14.55 7.32
CA TYR A 95 -29.74 15.40 8.42
C TYR A 95 -30.04 14.58 9.68
N MET A 96 -29.48 13.39 9.77
CA MET A 96 -29.72 12.55 10.93
C MET A 96 -28.40 12.04 11.47
N SER A 97 -28.34 11.82 12.78
CA SER A 97 -27.13 11.30 13.40
C SER A 97 -26.99 9.84 12.99
N PHE A 98 -25.80 9.27 13.17
CA PHE A 98 -25.58 7.89 12.77
C PHE A 98 -26.35 6.88 13.58
N GLU A 99 -26.53 7.13 14.87
CA GLU A 99 -27.27 6.24 15.74
C GLU A 99 -28.77 6.30 15.36
N GLU A 100 -29.22 7.51 15.02
CA GLU A 100 -30.60 7.76 14.63
C GLU A 100 -30.89 7.10 13.30
N GLY A 101 -30.05 7.38 12.31
CA GLY A 101 -30.22 6.81 10.99
C GLY A 101 -30.25 5.30 11.00
N SER A 102 -29.39 4.70 11.81
CA SER A 102 -29.34 3.25 11.89
C SER A 102 -30.64 2.65 12.41
N ALA A 103 -31.18 3.21 13.49
CA ALA A 103 -32.44 2.70 14.03
C ALA A 103 -33.56 3.02 13.06
N TYR A 104 -33.39 4.08 12.28
CA TYR A 104 -34.40 4.47 11.32
C TYR A 104 -34.52 3.39 10.24
N ASN A 105 -33.42 3.11 9.54
CA ASN A 105 -33.45 2.09 8.50
C ASN A 105 -33.67 0.72 9.08
N GLU A 106 -33.27 0.53 10.32
CA GLU A 106 -33.45 -0.77 10.93
C GLU A 106 -34.92 -1.07 11.23
N LYS A 107 -35.74 -0.05 11.46
CA LYS A 107 -37.15 -0.31 11.74
C LYS A 107 -37.88 -0.69 10.44
N LEU A 108 -37.34 -0.22 9.32
CA LEU A 108 -37.92 -0.47 8.00
C LEU A 108 -37.67 -1.85 7.39
N ILE A 109 -36.74 -2.59 7.97
CA ILE A 109 -36.41 -3.91 7.48
C ILE A 109 -37.51 -4.94 7.78
N PRO A 110 -37.96 -5.04 9.05
CA PRO A 110 -39.03 -6.02 9.29
C PRO A 110 -40.27 -5.62 8.49
N ILE A 111 -40.49 -4.32 8.36
CA ILE A 111 -41.63 -3.80 7.62
C ILE A 111 -41.52 -4.18 6.15
N SER A 112 -40.29 -4.12 5.62
CA SER A 112 -40.05 -4.48 4.21
C SER A 112 -40.29 -5.96 4.01
N ARG A 113 -39.96 -6.76 5.02
CA ARG A 113 -40.15 -8.21 4.96
C ARG A 113 -41.63 -8.55 5.02
N GLY A 114 -42.44 -7.62 5.50
CA GLY A 114 -43.86 -7.87 5.62
C GLY A 114 -44.17 -8.51 6.96
N ASP A 115 -43.16 -8.69 7.80
CA ASP A 115 -43.36 -9.31 9.12
C ASP A 115 -43.91 -8.33 10.14
N VAL A 116 -43.85 -7.04 9.83
CA VAL A 116 -44.35 -6.02 10.74
C VAL A 116 -45.17 -4.98 9.99
N LEU A 117 -46.36 -4.71 10.51
CA LEU A 117 -47.26 -3.73 9.89
C LEU A 117 -46.72 -2.33 10.06
N PRO A 118 -47.05 -1.45 9.12
CA PRO A 118 -46.56 -0.07 9.19
C PRO A 118 -47.55 0.82 9.93
N ASP A 119 -47.05 1.89 10.51
CA ASP A 119 -47.96 2.82 11.13
C ASP A 119 -48.40 3.65 9.93
N ARG A 120 -49.63 3.47 9.46
CA ARG A 120 -50.10 4.17 8.27
C ARG A 120 -50.07 5.69 8.37
N SER A 121 -49.54 6.23 9.48
CA SER A 121 -49.45 7.68 9.59
C SER A 121 -48.03 8.17 9.27
N ILE A 122 -47.07 7.24 9.24
CA ILE A 122 -45.70 7.56 8.92
C ILE A 122 -45.49 7.02 7.51
N PRO A 123 -45.50 7.92 6.50
CA PRO A 123 -45.33 7.53 5.10
C PRO A 123 -44.17 6.61 4.72
N VAL A 124 -42.97 6.88 5.21
CA VAL A 124 -41.87 5.98 4.81
C VAL A 124 -42.27 4.55 5.15
N GLU A 125 -42.85 4.35 6.33
CA GLU A 125 -43.27 3.00 6.72
C GLU A 125 -44.30 2.32 5.82
N TYR A 126 -45.41 3.00 5.52
CA TYR A 126 -46.41 2.34 4.68
C TYR A 126 -46.03 2.29 3.22
N ILE A 127 -45.22 3.24 2.79
CA ILE A 127 -44.76 3.24 1.40
C ILE A 127 -43.82 2.04 1.27
N ILE A 128 -42.94 1.86 2.25
CA ILE A 128 -42.03 0.72 2.21
C ILE A 128 -42.85 -0.57 2.26
N TYR A 129 -43.76 -0.66 3.23
CA TYR A 129 -44.59 -1.86 3.38
C TYR A 129 -45.35 -2.22 2.12
N ASP A 130 -46.06 -1.24 1.59
CA ASP A 130 -46.88 -1.43 0.39
C ASP A 130 -46.04 -1.75 -0.82
N LEU A 131 -44.90 -1.07 -0.94
CA LEU A 131 -44.04 -1.32 -2.08
C LEU A 131 -43.62 -2.78 -2.11
N TRP A 132 -43.10 -3.28 -1.00
CA TRP A 132 -42.64 -4.66 -0.94
C TRP A 132 -43.77 -5.67 -1.13
N GLU A 133 -44.92 -5.40 -0.51
CA GLU A 133 -46.08 -6.29 -0.67
C GLU A 133 -46.43 -6.37 -2.16
N SER A 134 -46.38 -5.24 -2.86
CA SER A 134 -46.71 -5.22 -4.28
C SER A 134 -45.70 -6.00 -5.12
N MET A 135 -44.42 -5.94 -4.69
CA MET A 135 -43.37 -6.64 -5.41
C MET A 135 -43.54 -8.15 -5.26
N ARG A 136 -43.84 -8.60 -4.04
CA ARG A 136 -44.06 -10.03 -3.82
C ARG A 136 -45.30 -10.54 -4.58
N ALA A 137 -46.32 -9.69 -4.69
CA ALA A 137 -47.55 -10.05 -5.39
C ALA A 137 -47.31 -10.23 -6.87
N HIS A 138 -46.29 -9.56 -7.40
CA HIS A 138 -45.97 -9.68 -8.82
C HIS A 138 -45.08 -10.89 -9.06
N ASP A 139 -44.02 -11.03 -8.27
CA ASP A 139 -43.10 -12.17 -8.37
C ASP A 139 -42.48 -12.47 -7.01
N ARG A 140 -43.15 -13.29 -6.23
CA ARG A 140 -42.70 -13.67 -4.90
C ARG A 140 -41.24 -14.16 -4.84
N GLU A 141 -40.90 -15.16 -5.63
CA GLU A 141 -39.54 -15.69 -5.65
C GLU A 141 -38.51 -14.60 -5.92
N MET A 142 -38.73 -13.79 -6.95
CA MET A 142 -37.77 -12.76 -7.29
C MET A 142 -37.76 -11.60 -6.30
N ALA A 143 -38.90 -11.29 -5.69
CA ALA A 143 -38.94 -10.18 -4.72
C ALA A 143 -38.15 -10.57 -3.49
N ASP A 144 -38.37 -11.79 -3.03
CA ASP A 144 -37.67 -12.26 -1.84
C ASP A 144 -36.18 -12.22 -2.09
N GLU A 145 -35.78 -12.49 -3.33
CA GLU A 145 -34.37 -12.52 -3.69
C GLU A 145 -33.66 -11.18 -3.55
N ILE A 146 -34.38 -10.07 -3.64
CA ILE A 146 -33.70 -8.79 -3.50
C ILE A 146 -33.83 -8.18 -2.11
N LEU A 147 -34.43 -8.93 -1.18
CA LEU A 147 -34.57 -8.45 0.19
C LEU A 147 -33.22 -8.17 0.82
N GLU A 148 -32.36 -9.19 0.90
CA GLU A 148 -31.06 -9.02 1.53
C GLU A 148 -30.17 -7.98 0.84
N PRO A 149 -30.20 -7.91 -0.49
CA PRO A 149 -29.36 -6.91 -1.16
C PRO A 149 -29.79 -5.51 -0.76
N VAL A 150 -31.09 -5.32 -0.57
CA VAL A 150 -31.61 -4.02 -0.18
C VAL A 150 -31.23 -3.72 1.26
N PHE A 151 -31.35 -4.72 2.13
CA PHE A 151 -31.01 -4.53 3.53
C PHE A 151 -29.52 -4.29 3.73
N LEU A 152 -28.70 -5.01 2.99
CA LEU A 152 -27.26 -4.85 3.08
C LEU A 152 -26.96 -3.38 2.74
N PHE A 153 -27.61 -2.86 1.72
CA PHE A 153 -27.40 -1.47 1.32
C PHE A 153 -27.92 -0.46 2.34
N MET A 154 -29.11 -0.72 2.87
CA MET A 154 -29.73 0.18 3.86
C MET A 154 -28.87 0.29 5.11
N ARG A 155 -28.26 -0.82 5.50
CA ARG A 155 -27.41 -0.83 6.68
C ARG A 155 -26.08 -0.17 6.39
N ALA A 156 -25.70 -0.14 5.11
CA ALA A 156 -24.45 0.48 4.69
C ALA A 156 -24.62 2.00 4.62
N GLN A 157 -25.86 2.44 4.35
CA GLN A 157 -26.14 3.87 4.25
C GLN A 157 -25.84 4.58 5.56
N THR A 158 -25.67 3.82 6.63
CA THR A 158 -25.42 4.45 7.90
C THR A 158 -24.13 4.11 8.63
N ASP A 159 -23.39 3.12 8.16
CA ASP A 159 -22.14 2.78 8.84
C ASP A 159 -20.98 3.71 8.44
N ARG A 160 -19.85 3.58 9.15
CA ARG A 160 -18.68 4.41 8.88
C ARG A 160 -17.63 3.79 7.96
N THR A 161 -16.45 4.41 7.91
CA THR A 161 -15.39 3.91 7.04
C THR A 161 -14.10 3.57 7.78
N ARG A 162 -13.70 4.41 8.73
CA ARG A 162 -12.46 4.16 9.46
C ARG A 162 -11.32 4.25 8.45
N ALA A 163 -10.64 5.39 8.44
CA ALA A 163 -9.54 5.61 7.52
C ALA A 163 -8.32 4.73 7.76
N ARG A 164 -7.57 4.50 6.70
CA ARG A 164 -6.35 3.72 6.76
C ARG A 164 -5.57 4.01 5.49
N PRO A 165 -4.23 3.85 5.53
CA PRO A 165 -3.43 4.12 4.33
C PRO A 165 -4.00 3.27 3.21
N MET A 166 -4.32 3.88 2.08
CA MET A 166 -4.89 3.10 0.99
C MET A 166 -4.50 3.54 -0.42
N GLY A 167 -3.93 2.61 -1.17
CA GLY A 167 -3.50 2.89 -2.52
C GLY A 167 -4.58 2.55 -3.54
N LEU A 168 -4.22 2.73 -4.81
CA LEU A 168 -5.12 2.46 -5.92
C LEU A 168 -5.72 1.06 -5.85
N GLY A 169 -4.85 0.05 -5.77
CA GLY A 169 -5.29 -1.33 -5.74
C GLY A 169 -6.25 -1.60 -4.60
N GLY A 170 -5.95 -1.04 -3.43
CA GLY A 170 -6.82 -1.24 -2.28
C GLY A 170 -8.16 -0.56 -2.48
N TYR A 171 -8.14 0.68 -2.91
CA TYR A 171 -9.39 1.39 -3.14
C TYR A 171 -10.28 0.68 -4.16
N LEU A 172 -9.68 0.22 -5.25
CA LEU A 172 -10.45 -0.44 -6.31
C LEU A 172 -11.03 -1.78 -5.88
N GLU A 173 -10.29 -2.52 -5.07
CA GLU A 173 -10.73 -3.81 -4.59
C GLU A 173 -11.94 -3.61 -3.68
N TYR A 174 -11.91 -2.49 -2.95
CA TYR A 174 -12.98 -2.13 -2.03
C TYR A 174 -14.26 -1.77 -2.80
N ARG A 175 -14.10 -1.07 -3.93
CA ARG A 175 -15.27 -0.69 -4.72
C ARG A 175 -15.87 -1.85 -5.48
N GLU A 176 -15.07 -2.89 -5.72
CA GLU A 176 -15.55 -4.08 -6.42
C GLU A 176 -16.60 -4.78 -5.58
N ARG A 177 -16.59 -4.51 -4.29
CA ARG A 177 -17.51 -5.14 -3.35
C ARG A 177 -18.55 -4.13 -2.86
N ASP A 178 -18.61 -2.99 -3.54
CA ASP A 178 -19.57 -1.93 -3.21
C ASP A 178 -21.00 -2.50 -3.18
N VAL A 179 -21.65 -2.41 -2.05
CA VAL A 179 -23.01 -2.96 -1.91
C VAL A 179 -24.05 -2.17 -2.70
N GLY A 180 -23.76 -0.92 -2.99
CA GLY A 180 -24.69 -0.11 -3.77
C GLY A 180 -24.76 -0.66 -5.18
N LYS A 181 -23.61 -1.06 -5.72
CA LYS A 181 -23.58 -1.59 -7.08
C LYS A 181 -24.18 -2.98 -7.08
N GLU A 182 -24.04 -3.70 -5.97
CA GLU A 182 -24.62 -5.03 -5.87
C GLU A 182 -26.13 -4.88 -5.85
N LEU A 183 -26.60 -3.81 -5.22
CA LEU A 183 -28.04 -3.59 -5.17
C LEU A 183 -28.52 -3.31 -6.60
N LEU A 184 -27.88 -2.33 -7.25
CA LEU A 184 -28.27 -2.00 -8.62
C LEU A 184 -28.29 -3.23 -9.49
N ALA A 185 -27.34 -4.14 -9.25
CA ALA A 185 -27.25 -5.36 -10.04
C ALA A 185 -28.39 -6.32 -9.75
N ALA A 186 -28.73 -6.46 -8.48
CA ALA A 186 -29.81 -7.36 -8.11
C ALA A 186 -31.13 -6.76 -8.60
N LEU A 187 -31.34 -5.47 -8.33
CA LEU A 187 -32.57 -4.81 -8.73
C LEU A 187 -32.79 -4.87 -10.23
N MET A 188 -31.70 -4.86 -10.99
CA MET A 188 -31.81 -4.93 -12.43
C MET A 188 -32.26 -6.35 -12.83
N ARG A 189 -31.76 -7.37 -12.15
CA ARG A 189 -32.17 -8.74 -12.46
C ARG A 189 -33.68 -8.86 -12.21
N PHE A 190 -34.15 -8.32 -11.09
CA PHE A 190 -35.56 -8.35 -10.77
C PHE A 190 -36.38 -7.64 -11.86
N SER A 191 -35.93 -6.45 -12.23
CA SER A 191 -36.58 -5.60 -13.24
C SER A 191 -36.69 -6.27 -14.58
N MET A 192 -35.69 -7.09 -14.91
CA MET A 192 -35.67 -7.76 -16.20
C MET A 192 -36.24 -9.17 -16.11
N GLY A 193 -36.61 -9.59 -14.91
CA GLY A 193 -37.14 -10.92 -14.75
C GLY A 193 -36.09 -11.98 -15.01
N LEU A 194 -34.82 -11.61 -14.84
CA LEU A 194 -33.74 -12.56 -15.08
C LEU A 194 -33.50 -13.43 -13.85
N LYS A 195 -33.98 -14.67 -13.90
CA LYS A 195 -33.78 -15.62 -12.80
C LYS A 195 -32.49 -16.39 -13.05
N LEU A 196 -31.42 -15.91 -12.43
CA LEU A 196 -30.12 -16.53 -12.58
C LEU A 196 -29.81 -17.57 -11.52
N SER A 197 -29.25 -18.69 -11.97
CA SER A 197 -28.89 -19.78 -11.09
C SER A 197 -27.59 -19.43 -10.39
N PRO A 198 -27.33 -20.05 -9.22
CA PRO A 198 -26.08 -19.76 -8.49
C PRO A 198 -24.91 -20.01 -9.41
N SER A 199 -25.03 -21.05 -10.22
CA SER A 199 -24.00 -21.40 -11.18
C SER A 199 -23.77 -20.29 -12.18
N GLU A 200 -24.85 -19.63 -12.59
CA GLU A 200 -24.76 -18.54 -13.57
C GLU A 200 -24.13 -17.28 -12.96
N LEU A 201 -24.53 -16.97 -11.73
CA LEU A 201 -24.03 -15.81 -11.01
C LEU A 201 -22.55 -15.96 -10.65
N GLN A 202 -22.10 -17.18 -10.41
CA GLN A 202 -20.71 -17.44 -10.07
C GLN A 202 -19.78 -17.16 -11.24
N ARG A 203 -20.20 -17.57 -12.43
CA ARG A 203 -19.39 -17.37 -13.62
C ARG A 203 -19.41 -15.90 -14.06
N VAL A 204 -20.24 -15.09 -13.43
CA VAL A 204 -20.34 -13.68 -13.80
C VAL A 204 -19.69 -12.76 -12.73
N ARG A 205 -18.93 -13.36 -11.81
CA ARG A 205 -18.27 -12.62 -10.73
C ARG A 205 -17.23 -11.60 -11.18
N GLU A 206 -16.34 -11.99 -12.10
CA GLU A 206 -15.32 -11.07 -12.61
C GLU A 206 -15.99 -9.88 -13.31
N ILE A 207 -17.03 -10.18 -14.09
CA ILE A 207 -17.75 -9.16 -14.83
C ILE A 207 -18.40 -8.18 -13.87
N ASP A 208 -19.04 -8.71 -12.81
CA ASP A 208 -19.69 -7.87 -11.82
C ASP A 208 -18.68 -6.96 -11.12
N ALA A 209 -17.52 -7.50 -10.80
CA ALA A 209 -16.48 -6.73 -10.10
C ALA A 209 -15.97 -5.65 -11.02
N ASN A 210 -15.77 -6.03 -12.28
CA ASN A 210 -15.26 -5.11 -13.28
C ASN A 210 -16.22 -3.94 -13.42
N CYS A 211 -17.50 -4.25 -13.55
CA CYS A 211 -18.57 -3.26 -13.70
C CYS A 211 -18.65 -2.34 -12.46
N SER A 212 -18.61 -2.96 -11.29
CA SER A 212 -18.69 -2.21 -10.06
C SER A 212 -17.59 -1.15 -9.97
N LYS A 213 -16.38 -1.48 -10.40
CA LYS A 213 -15.30 -0.50 -10.35
C LYS A 213 -15.52 0.66 -11.31
N HIS A 214 -16.00 0.35 -12.51
CA HIS A 214 -16.27 1.34 -13.54
C HIS A 214 -17.33 2.34 -13.05
N LEU A 215 -18.43 1.83 -12.49
CA LEU A 215 -19.48 2.73 -12.00
C LEU A 215 -18.92 3.60 -10.91
N SER A 216 -18.15 3.01 -10.00
CA SER A 216 -17.57 3.77 -8.88
C SER A 216 -16.54 4.83 -9.28
N VAL A 217 -15.68 4.48 -10.22
CA VAL A 217 -14.65 5.43 -10.65
C VAL A 217 -15.24 6.58 -11.43
N VAL A 218 -16.23 6.27 -12.27
CA VAL A 218 -16.92 7.30 -13.06
C VAL A 218 -17.61 8.23 -12.08
N ASN A 219 -18.19 7.70 -11.01
CA ASN A 219 -18.81 8.57 -10.03
C ASN A 219 -17.71 9.47 -9.46
N ASP A 220 -16.59 8.85 -9.07
CA ASP A 220 -15.46 9.57 -8.47
C ASP A 220 -15.02 10.75 -9.31
N ILE A 221 -14.88 10.49 -10.60
CA ILE A 221 -14.46 11.51 -11.54
C ILE A 221 -15.38 12.70 -11.52
N TYR A 222 -16.69 12.46 -11.58
CA TYR A 222 -17.65 13.56 -11.58
C TYR A 222 -18.05 14.13 -10.24
N SER A 223 -17.83 13.38 -9.17
CA SER A 223 -18.20 13.86 -7.84
C SER A 223 -17.03 14.53 -7.12
N TYR A 224 -15.82 14.36 -7.63
CA TYR A 224 -14.65 14.94 -6.96
C TYR A 224 -14.81 16.40 -6.56
N GLU A 225 -15.19 17.23 -7.54
CA GLU A 225 -15.38 18.66 -7.32
C GLU A 225 -16.23 18.90 -6.08
N LYS A 226 -17.37 18.23 -6.01
CA LYS A 226 -18.28 18.36 -4.87
C LYS A 226 -17.66 17.85 -3.56
N GLU A 227 -17.27 16.58 -3.53
CA GLU A 227 -16.69 15.96 -2.35
C GLU A 227 -15.57 16.78 -1.73
N LEU A 228 -14.79 17.45 -2.57
CA LEU A 228 -13.68 18.25 -2.09
C LEU A 228 -14.19 19.49 -1.35
N TYR A 229 -14.18 19.41 -0.02
CA TYR A 229 -14.60 20.50 0.86
C TYR A 229 -14.61 20.10 2.34
N THR A 230 -14.41 21.08 3.21
CA THR A 230 -14.39 20.86 4.66
C THR A 230 -14.38 22.21 5.38
N LEU A 241 -11.15 12.91 0.44
CA LEU A 241 -11.18 11.79 1.38
C LEU A 241 -11.74 10.52 0.73
N CYS A 242 -10.85 9.58 0.43
CA CYS A 242 -11.15 8.28 -0.19
C CYS A 242 -11.90 8.28 -1.52
N THR A 243 -11.13 8.47 -2.59
CA THR A 243 -11.67 8.47 -3.94
C THR A 243 -10.52 8.19 -4.88
N SER A 244 -10.77 7.42 -5.93
CA SER A 244 -9.73 7.07 -6.90
C SER A 244 -9.05 8.32 -7.44
N VAL A 245 -9.79 9.41 -7.52
CA VAL A 245 -9.24 10.66 -8.04
C VAL A 245 -8.08 11.18 -7.19
N GLN A 246 -8.30 11.27 -5.88
CA GLN A 246 -7.27 11.76 -4.99
C GLN A 246 -6.14 10.75 -4.80
N ILE A 247 -6.50 9.48 -4.74
CA ILE A 247 -5.51 8.43 -4.57
C ILE A 247 -4.54 8.38 -5.77
N LEU A 248 -5.09 8.42 -6.98
CA LEU A 248 -4.21 8.37 -8.14
C LEU A 248 -3.38 9.63 -8.26
N ALA A 249 -3.99 10.78 -8.01
CA ALA A 249 -3.24 12.03 -8.08
C ALA A 249 -2.04 12.05 -7.13
N GLN A 250 -2.18 11.47 -5.95
CA GLN A 250 -1.05 11.49 -5.03
C GLN A 250 -0.02 10.41 -5.25
N GLU A 251 -0.43 9.30 -5.86
CA GLU A 251 0.52 8.24 -6.12
C GLU A 251 1.33 8.55 -7.37
N ALA A 252 0.72 9.30 -8.30
CA ALA A 252 1.37 9.66 -9.55
C ALA A 252 1.89 11.09 -9.49
N ASP A 253 1.51 11.80 -8.44
CA ASP A 253 1.90 13.20 -8.25
C ASP A 253 1.46 14.08 -9.41
N VAL A 254 0.17 14.04 -9.71
CA VAL A 254 -0.40 14.86 -10.76
C VAL A 254 -1.60 15.56 -10.14
N THR A 255 -2.16 16.53 -10.84
CA THR A 255 -3.32 17.24 -10.33
C THR A 255 -4.49 16.27 -10.29
N ALA A 256 -5.54 16.65 -9.57
CA ALA A 256 -6.72 15.82 -9.50
C ALA A 256 -7.29 15.74 -10.92
N GLU A 257 -7.22 16.86 -11.63
CA GLU A 257 -7.75 16.90 -13.00
C GLU A 257 -7.02 15.90 -13.93
N ALA A 258 -5.70 15.82 -13.82
CA ALA A 258 -4.95 14.85 -14.65
C ALA A 258 -5.38 13.44 -14.24
N ALA A 259 -5.57 13.22 -12.95
CA ALA A 259 -5.99 11.91 -12.44
C ALA A 259 -7.32 11.53 -13.07
N LYS A 260 -8.25 12.48 -13.13
CA LYS A 260 -9.55 12.19 -13.73
C LYS A 260 -9.39 11.67 -15.16
N ARG A 261 -8.48 12.28 -15.94
CA ARG A 261 -8.27 11.85 -17.33
C ARG A 261 -7.66 10.45 -17.46
N VAL A 262 -6.73 10.12 -16.58
CA VAL A 262 -6.12 8.78 -16.60
C VAL A 262 -7.19 7.74 -16.20
N LEU A 263 -7.91 8.04 -15.11
CA LEU A 263 -8.96 7.13 -14.63
C LEU A 263 -10.00 6.92 -15.72
N PHE A 264 -10.28 7.97 -16.48
CA PHE A 264 -11.28 7.84 -17.52
C PHE A 264 -10.83 6.80 -18.54
N VAL A 265 -9.54 6.80 -18.89
CA VAL A 265 -9.04 5.84 -19.85
C VAL A 265 -9.12 4.43 -19.24
N MET A 266 -8.74 4.32 -17.98
CA MET A 266 -8.85 3.06 -17.25
C MET A 266 -10.28 2.51 -17.36
N CYS A 267 -11.27 3.40 -17.19
CA CYS A 267 -12.66 3.00 -17.33
C CYS A 267 -12.90 2.43 -18.72
N ARG A 268 -12.35 3.08 -19.76
CA ARG A 268 -12.55 2.52 -21.10
C ARG A 268 -11.84 1.16 -21.15
N GLU A 269 -10.83 0.97 -20.33
CA GLU A 269 -10.16 -0.32 -20.33
C GLU A 269 -11.07 -1.36 -19.70
N TRP A 270 -11.83 -0.96 -18.70
CA TRP A 270 -12.74 -1.91 -18.06
C TRP A 270 -13.89 -2.24 -18.99
N GLU A 271 -14.25 -1.31 -19.88
CA GLU A 271 -15.34 -1.57 -20.83
C GLU A 271 -14.80 -2.62 -21.81
N LEU A 272 -13.54 -2.48 -22.20
CA LEU A 272 -12.95 -3.45 -23.11
C LEU A 272 -12.86 -4.80 -22.37
N ARG A 273 -12.46 -4.79 -21.10
CA ARG A 273 -12.40 -6.05 -20.36
C ARG A 273 -13.80 -6.66 -20.31
N HIS A 274 -14.82 -5.84 -20.11
CA HIS A 274 -16.18 -6.33 -20.07
C HIS A 274 -16.48 -7.14 -21.35
N GLN A 275 -16.26 -6.53 -22.50
CA GLN A 275 -16.52 -7.24 -23.74
C GLN A 275 -15.68 -8.51 -23.84
N LEU A 276 -14.38 -8.40 -23.57
CA LEU A 276 -13.51 -9.58 -23.62
C LEU A 276 -14.04 -10.68 -22.73
N LEU A 277 -14.46 -10.30 -21.53
CA LEU A 277 -14.98 -11.27 -20.58
C LEU A 277 -16.28 -11.88 -21.10
N VAL A 278 -17.15 -11.06 -21.67
CA VAL A 278 -18.40 -11.58 -22.21
C VAL A 278 -18.09 -12.54 -23.37
N ALA A 279 -17.12 -12.18 -24.20
CA ALA A 279 -16.72 -13.02 -25.33
C ALA A 279 -16.12 -14.34 -24.86
N ARG A 280 -15.34 -14.29 -23.79
CA ARG A 280 -14.70 -15.49 -23.28
C ARG A 280 -15.72 -16.43 -22.67
N LEU A 281 -16.77 -15.84 -22.09
CA LEU A 281 -17.82 -16.59 -21.45
C LEU A 281 -18.65 -17.26 -22.53
N SER A 282 -18.81 -16.55 -23.64
CA SER A 282 -19.56 -17.03 -24.78
C SER A 282 -18.71 -18.02 -25.57
N ALA A 283 -17.44 -17.68 -25.76
CA ALA A 283 -16.52 -18.56 -26.49
C ALA A 283 -16.49 -19.92 -25.80
N GLU A 284 -17.12 -19.98 -24.64
CA GLU A 284 -17.22 -21.23 -23.88
C GLU A 284 -18.71 -21.58 -23.97
N GLY A 285 -19.12 -22.69 -23.39
CA GLY A 285 -20.53 -23.03 -23.46
C GLY A 285 -21.18 -22.41 -22.25
N LEU A 286 -20.54 -21.37 -21.74
CA LEU A 286 -21.00 -20.71 -20.54
C LEU A 286 -22.05 -19.62 -20.69
N GLU A 287 -22.04 -18.87 -21.79
CA GLU A 287 -23.05 -17.82 -21.90
C GLU A 287 -24.39 -18.52 -21.86
N THR A 288 -25.40 -17.81 -21.38
CA THR A 288 -26.73 -18.37 -21.27
C THR A 288 -27.71 -17.29 -21.73
N PRO A 289 -28.95 -17.67 -22.07
CA PRO A 289 -29.86 -16.60 -22.49
C PRO A 289 -29.94 -15.53 -21.41
N GLY A 290 -30.19 -15.96 -20.17
CA GLY A 290 -30.27 -15.02 -19.06
C GLY A 290 -28.99 -14.23 -18.89
N LEU A 291 -27.86 -14.92 -18.91
CA LEU A 291 -26.57 -14.26 -18.76
C LEU A 291 -26.33 -13.24 -19.87
N ALA A 292 -26.61 -13.63 -21.11
CA ALA A 292 -26.43 -12.72 -22.23
C ALA A 292 -27.19 -11.41 -21.95
N ALA A 293 -28.41 -11.54 -21.48
CA ALA A 293 -29.25 -10.38 -21.16
C ALA A 293 -28.68 -9.67 -19.95
N TYR A 294 -28.18 -10.45 -19.01
CA TYR A 294 -27.62 -9.88 -17.80
C TYR A 294 -26.44 -8.97 -18.05
N VAL A 295 -25.42 -9.49 -18.74
CA VAL A 295 -24.22 -8.71 -19.01
C VAL A 295 -24.50 -7.48 -19.88
N GLU A 296 -25.39 -7.61 -20.86
CA GLU A 296 -25.73 -6.44 -21.69
C GLU A 296 -26.34 -5.41 -20.76
N GLY A 297 -27.18 -5.86 -19.84
CA GLY A 297 -27.81 -4.96 -18.88
C GLY A 297 -26.76 -4.15 -18.14
N LEU A 298 -25.67 -4.82 -17.77
CA LEU A 298 -24.58 -4.17 -17.06
C LEU A 298 -23.94 -3.11 -17.95
N GLU A 299 -23.85 -3.42 -19.24
CA GLU A 299 -23.26 -2.50 -20.20
C GLU A 299 -24.02 -1.21 -20.09
N TYR A 300 -25.35 -1.29 -20.09
CA TYR A 300 -26.14 -0.08 -20.01
C TYR A 300 -26.06 0.60 -18.65
N GLN A 301 -25.77 -0.15 -17.60
CA GLN A 301 -25.62 0.48 -16.29
C GLN A 301 -24.36 1.33 -16.31
N MET A 302 -23.32 0.83 -16.99
CA MET A 302 -22.09 1.58 -17.05
C MET A 302 -22.27 2.87 -17.89
N SER A 303 -22.77 2.76 -19.12
CA SER A 303 -23.00 3.95 -19.93
C SER A 303 -24.03 4.85 -19.25
N GLY A 304 -25.10 4.23 -18.72
CA GLY A 304 -26.14 4.99 -18.04
C GLY A 304 -25.62 5.85 -16.90
N ASN A 305 -24.80 5.21 -16.06
CA ASN A 305 -24.18 5.84 -14.88
C ASN A 305 -23.26 6.99 -15.25
N GLU A 306 -22.62 6.86 -16.41
CA GLU A 306 -21.73 7.91 -16.89
C GLU A 306 -22.54 9.14 -17.29
N LEU A 307 -23.66 8.93 -17.98
CA LEU A 307 -24.48 10.08 -18.37
C LEU A 307 -25.06 10.73 -17.12
N TRP A 308 -25.48 9.91 -16.15
CA TRP A 308 -26.03 10.43 -14.91
C TRP A 308 -24.99 11.25 -14.14
N SER A 309 -23.76 10.72 -14.06
CA SER A 309 -22.68 11.41 -13.33
C SER A 309 -22.33 12.72 -14.01
N GLN A 310 -22.51 12.76 -15.33
CA GLN A 310 -22.20 13.94 -16.14
C GLN A 310 -23.29 14.98 -16.07
N THR A 311 -24.50 14.59 -15.70
CA THR A 311 -25.60 15.55 -15.68
C THR A 311 -26.38 15.75 -14.38
N THR A 312 -26.11 14.95 -13.35
CA THR A 312 -26.84 15.09 -12.09
C THR A 312 -26.44 16.30 -11.28
N LEU A 313 -27.40 16.86 -10.55
CA LEU A 313 -27.15 18.03 -9.70
C LEU A 313 -26.50 17.56 -8.41
N ARG A 314 -26.63 16.27 -8.14
CA ARG A 314 -26.06 15.65 -6.95
C ARG A 314 -24.56 15.99 -6.87
N TYR A 315 -23.94 16.25 -8.02
CA TYR A 315 -22.51 16.58 -8.05
C TYR A 315 -22.22 18.02 -8.43
N SER A 316 -23.28 18.83 -8.49
CA SER A 316 -23.15 20.23 -8.88
C SER A 316 -22.64 21.16 -7.79
N VAL A 317 -22.04 22.27 -8.23
CA VAL A 317 -21.51 23.29 -7.35
C VAL A 317 -20.37 22.71 -6.52
N SER B 13 1.33 5.52 31.88
CA SER B 13 2.76 5.57 31.42
C SER B 13 3.01 4.51 30.35
N LEU B 14 3.93 4.82 29.44
CA LEU B 14 4.25 3.92 28.34
C LEU B 14 4.93 2.62 28.78
N GLU B 15 5.98 2.75 29.58
CA GLU B 15 6.71 1.58 30.05
C GLU B 15 7.43 0.90 28.90
N PRO B 16 8.66 1.33 28.62
CA PRO B 16 9.51 0.81 27.56
C PRO B 16 9.91 -0.64 27.83
N PRO B 17 9.89 -1.51 26.81
CA PRO B 17 10.25 -2.92 26.98
C PRO B 17 11.74 -3.01 27.26
N PRO B 18 12.22 -4.18 27.73
CA PRO B 18 13.64 -4.39 28.03
C PRO B 18 14.55 -4.12 26.83
N SER B 19 15.77 -3.68 27.12
CA SER B 19 16.73 -3.37 26.07
C SER B 19 18.12 -3.70 26.60
N THR B 20 18.97 -4.30 25.75
CA THR B 20 20.33 -4.59 26.19
C THR B 20 21.17 -3.32 26.02
N PHE B 21 20.56 -2.27 25.49
CA PHE B 21 21.26 -0.99 25.29
C PHE B 21 20.97 -0.08 26.51
N GLN B 22 21.87 0.87 26.77
CA GLN B 22 21.67 1.83 27.85
C GLN B 22 22.18 3.21 27.44
N PRO B 23 21.58 4.26 27.98
CA PRO B 23 22.07 5.58 27.59
C PRO B 23 23.36 5.94 28.35
N LEU B 24 24.22 6.74 27.73
CA LEU B 24 25.47 7.17 28.33
C LEU B 24 25.72 8.61 27.92
N CYS B 25 26.28 9.40 28.84
CA CYS B 25 26.56 10.80 28.52
C CYS B 25 28.06 11.01 28.43
N HIS B 26 28.50 11.91 27.57
CA HIS B 26 29.93 12.17 27.41
C HIS B 26 30.52 12.59 28.76
N PRO B 27 31.73 12.13 29.07
CA PRO B 27 32.36 12.49 30.35
C PRO B 27 32.49 13.99 30.62
N LEU B 28 32.68 14.81 29.58
CA LEU B 28 32.84 16.24 29.81
C LEU B 28 31.59 17.08 29.60
N VAL B 29 30.41 16.49 29.72
CA VAL B 29 29.17 17.24 29.50
C VAL B 29 29.06 18.58 30.25
N GLU B 30 29.34 18.61 31.56
CA GLU B 30 29.22 19.86 32.33
C GLU B 30 30.13 20.94 31.75
N GLU B 31 31.41 20.61 31.60
CA GLU B 31 32.37 21.54 31.03
C GLU B 31 31.91 22.06 29.66
N VAL B 32 31.75 21.16 28.69
CA VAL B 32 31.34 21.58 27.35
C VAL B 32 30.04 22.38 27.30
N SER B 33 29.02 21.91 28.01
CA SER B 33 27.74 22.61 28.03
C SER B 33 27.92 24.06 28.50
N LYS B 34 28.68 24.26 29.57
CA LYS B 34 28.90 25.60 30.11
C LYS B 34 29.58 26.46 29.04
N GLU B 35 30.67 25.91 28.49
CA GLU B 35 31.45 26.56 27.42
C GLU B 35 30.58 26.93 26.20
N VAL B 36 29.96 25.92 25.57
CA VAL B 36 29.13 26.17 24.39
C VAL B 36 27.92 27.05 24.68
N ASP B 37 27.16 26.73 25.73
CA ASP B 37 25.98 27.53 26.08
C ASP B 37 26.44 28.99 26.25
N GLY B 38 27.55 29.17 26.95
CA GLY B 38 28.08 30.51 27.19
C GLY B 38 28.31 31.27 25.90
N TYR B 39 29.03 30.64 24.97
CA TYR B 39 29.32 31.22 23.67
C TYR B 39 28.05 31.70 22.98
N PHE B 40 27.04 30.85 22.92
CA PHE B 40 25.83 31.25 22.26
C PHE B 40 25.05 32.30 23.05
N LEU B 41 25.13 32.26 24.37
CA LEU B 41 24.42 33.26 25.18
C LEU B 41 25.02 34.64 24.92
N GLN B 42 26.33 34.67 24.67
CA GLN B 42 27.03 35.91 24.39
C GLN B 42 26.84 36.43 22.95
N HIS B 43 26.85 35.52 21.98
CA HIS B 43 26.75 35.93 20.58
C HIS B 43 25.39 35.86 19.90
N TRP B 44 24.61 34.83 20.20
CA TRP B 44 23.31 34.66 19.56
C TRP B 44 22.30 35.71 19.98
N ASN B 45 21.67 36.35 19.00
CA ASN B 45 20.70 37.39 19.29
C ASN B 45 19.37 36.86 19.77
N PHE B 46 19.24 36.67 21.09
CA PHE B 46 17.99 36.19 21.65
C PHE B 46 17.02 37.36 21.80
N PRO B 47 15.76 37.15 21.40
CA PRO B 47 14.73 38.20 21.47
C PRO B 47 14.49 38.77 22.87
N ASN B 48 14.61 37.93 23.89
CA ASN B 48 14.36 38.37 25.26
C ASN B 48 14.83 37.38 26.31
N GLU B 49 14.84 37.85 27.56
CA GLU B 49 15.26 37.05 28.70
C GLU B 49 14.60 35.66 28.73
N LYS B 50 13.33 35.60 28.38
CA LYS B 50 12.60 34.35 28.39
C LYS B 50 13.18 33.36 27.35
N ALA B 51 13.68 33.91 26.25
CA ALA B 51 14.28 33.09 25.19
C ALA B 51 15.63 32.54 25.67
N ARG B 52 16.31 33.29 26.53
CA ARG B 52 17.59 32.89 27.08
C ARG B 52 17.46 31.77 28.11
N LYS B 53 16.44 31.87 28.95
CA LYS B 53 16.20 30.84 29.97
C LYS B 53 15.76 29.57 29.26
N LYS B 54 14.98 29.73 28.20
CA LYS B 54 14.50 28.60 27.44
C LYS B 54 15.69 27.88 26.80
N PHE B 55 16.64 28.67 26.29
CA PHE B 55 17.81 28.12 25.66
C PHE B 55 18.65 27.31 26.61
N VAL B 56 18.91 27.84 27.80
CA VAL B 56 19.73 27.10 28.75
C VAL B 56 19.07 25.85 29.30
N ALA B 57 17.75 25.90 29.43
CA ALA B 57 17.00 24.77 29.94
C ALA B 57 16.85 23.66 28.90
N ALA B 58 17.00 23.99 27.62
CA ALA B 58 16.89 22.98 26.58
C ALA B 58 18.21 22.20 26.47
N GLY B 59 19.30 22.81 26.95
CA GLY B 59 20.61 22.18 26.94
C GLY B 59 21.04 21.40 25.70
N PHE B 60 21.21 22.08 24.56
CA PHE B 60 21.60 21.42 23.33
C PHE B 60 22.96 20.70 23.41
N SER B 61 23.88 21.22 24.21
CA SER B 61 25.18 20.55 24.30
C SER B 61 24.99 19.27 25.09
N ARG B 62 24.04 19.33 26.00
CA ARG B 62 23.70 18.21 26.87
C ARG B 62 23.08 17.12 25.99
N VAL B 63 22.19 17.50 25.08
CA VAL B 63 21.60 16.51 24.20
C VAL B 63 22.71 15.87 23.38
N THR B 64 23.58 16.72 22.82
CA THR B 64 24.68 16.28 21.99
C THR B 64 25.61 15.29 22.66
N CYS B 65 25.89 15.51 23.94
CA CYS B 65 26.78 14.63 24.67
C CYS B 65 26.09 13.31 24.94
N LEU B 66 24.76 13.33 24.87
CA LEU B 66 23.95 12.12 25.09
C LEU B 66 23.96 11.24 23.82
N TYR B 67 24.10 11.88 22.66
CA TYR B 67 24.12 11.15 21.40
C TYR B 67 25.47 10.63 21.00
N PHE B 68 26.50 11.40 21.34
CA PHE B 68 27.90 11.10 21.03
C PHE B 68 28.72 10.97 22.33
N PRO B 69 28.33 10.05 23.22
CA PRO B 69 29.08 9.91 24.48
C PRO B 69 30.51 9.46 24.23
N LYS B 70 30.76 8.87 23.07
CA LYS B 70 32.10 8.39 22.75
C LYS B 70 32.95 9.40 21.99
N ALA B 71 32.44 10.61 21.77
CA ALA B 71 33.23 11.61 21.04
C ALA B 71 34.61 11.77 21.71
N LEU B 72 35.61 12.17 20.92
CA LEU B 72 36.94 12.39 21.46
C LEU B 72 36.77 13.60 22.37
N ASP B 73 37.56 13.67 23.43
CA ASP B 73 37.45 14.79 24.38
C ASP B 73 37.62 16.19 23.84
N ASP B 74 38.47 16.37 22.85
CA ASP B 74 38.66 17.70 22.29
C ASP B 74 37.84 17.96 21.01
N ARG B 75 36.84 17.13 20.76
CA ARG B 75 36.03 17.33 19.57
C ARG B 75 34.54 17.40 19.92
N ILE B 76 34.13 16.87 21.06
CA ILE B 76 32.73 16.92 21.41
C ILE B 76 32.18 18.34 21.31
N HIS B 77 33.01 19.32 21.64
CA HIS B 77 32.53 20.71 21.63
C HIS B 77 32.08 21.18 20.24
N PHE B 78 32.78 20.74 19.20
CA PHE B 78 32.41 21.12 17.83
C PHE B 78 31.01 20.55 17.55
N ALA B 79 30.77 19.32 17.98
CA ALA B 79 29.48 18.72 17.73
C ALA B 79 28.41 19.54 18.45
N CYS B 80 28.66 19.88 19.71
CA CYS B 80 27.67 20.67 20.45
C CYS B 80 27.39 21.98 19.77
N ARG B 81 28.43 22.64 19.27
CA ARG B 81 28.27 23.92 18.61
C ARG B 81 27.48 23.77 17.32
N LEU B 82 27.88 22.79 16.51
CA LEU B 82 27.21 22.55 15.25
C LEU B 82 25.72 22.23 15.46
N LEU B 83 25.41 21.27 16.33
CA LEU B 83 24.00 20.94 16.58
C LEU B 83 23.27 22.12 17.21
N THR B 84 23.90 22.82 18.14
CA THR B 84 23.27 23.98 18.77
C THR B 84 22.88 25.05 17.72
N VAL B 85 23.81 25.46 16.86
CA VAL B 85 23.44 26.47 15.86
C VAL B 85 22.41 25.89 14.88
N LEU B 86 22.57 24.61 14.50
CA LEU B 86 21.61 24.01 13.59
C LEU B 86 20.18 23.98 14.15
N PHE B 87 20.02 23.66 15.43
CA PHE B 87 18.69 23.63 16.00
C PHE B 87 18.15 25.03 16.33
N LEU B 88 19.03 25.96 16.66
CA LEU B 88 18.57 27.34 16.91
C LEU B 88 18.00 27.80 15.57
N ILE B 89 18.74 27.55 14.50
CA ILE B 89 18.29 27.93 13.17
C ILE B 89 16.97 27.22 12.83
N ASP B 90 16.87 25.95 13.22
CA ASP B 90 15.68 25.15 12.97
C ASP B 90 14.45 25.85 13.54
N ASP B 91 14.50 26.15 14.84
CA ASP B 91 13.41 26.82 15.53
C ASP B 91 13.08 28.13 14.82
N LEU B 92 14.11 28.79 14.30
CA LEU B 92 13.91 30.05 13.58
C LEU B 92 13.24 29.91 12.22
N LEU B 93 13.61 28.89 11.46
CA LEU B 93 13.03 28.70 10.14
C LEU B 93 11.52 28.51 10.12
N GLU B 94 10.94 28.18 11.25
CA GLU B 94 9.50 27.98 11.28
C GLU B 94 8.75 29.31 11.18
N TYR B 95 9.36 30.38 11.69
CA TYR B 95 8.71 31.68 11.65
C TYR B 95 8.95 32.48 10.36
N MET B 96 9.46 31.80 9.34
CA MET B 96 9.69 32.44 8.06
C MET B 96 9.29 31.48 6.93
N SER B 97 8.96 32.03 5.77
CA SER B 97 8.51 31.24 4.62
C SER B 97 9.59 30.35 4.01
N PHE B 98 9.15 29.31 3.30
CA PHE B 98 10.05 28.38 2.64
C PHE B 98 11.10 29.11 1.82
N GLU B 99 10.73 30.26 1.26
CA GLU B 99 11.66 31.06 0.46
C GLU B 99 12.61 31.84 1.35
N GLU B 100 12.10 32.36 2.47
CA GLU B 100 12.93 33.09 3.41
C GLU B 100 13.86 32.08 4.06
N GLY B 101 13.30 30.92 4.39
CA GLY B 101 14.05 29.86 5.01
C GLY B 101 15.14 29.32 4.11
N SER B 102 14.78 28.99 2.88
CA SER B 102 15.76 28.44 1.95
C SER B 102 16.86 29.44 1.66
N ALA B 103 16.50 30.70 1.44
CA ALA B 103 17.48 31.74 1.16
C ALA B 103 18.36 31.92 2.40
N TYR B 104 17.76 31.83 3.58
CA TYR B 104 18.51 31.94 4.82
C TYR B 104 19.60 30.87 4.88
N ASN B 105 19.24 29.61 4.69
CA ASN B 105 20.25 28.54 4.78
C ASN B 105 21.20 28.52 3.60
N GLU B 106 20.69 28.90 2.43
CA GLU B 106 21.56 28.90 1.25
C GLU B 106 22.67 29.94 1.40
N LYS B 107 22.38 31.04 2.09
CA LYS B 107 23.39 32.09 2.28
C LYS B 107 24.49 31.60 3.22
N LEU B 108 24.15 30.70 4.13
CA LEU B 108 25.11 30.15 5.08
C LEU B 108 26.02 29.05 4.50
N ILE B 109 25.60 28.39 3.44
CA ILE B 109 26.38 27.31 2.86
C ILE B 109 27.77 27.71 2.37
N PRO B 110 27.86 28.69 1.46
CA PRO B 110 29.18 29.11 0.98
C PRO B 110 29.99 29.66 2.18
N ILE B 111 29.28 30.23 3.15
CA ILE B 111 29.94 30.76 4.34
C ILE B 111 30.48 29.62 5.19
N SER B 112 29.73 28.54 5.29
CA SER B 112 30.19 27.40 6.08
C SER B 112 31.36 26.78 5.34
N ARG B 113 31.40 26.98 4.03
CA ARG B 113 32.47 26.44 3.20
C ARG B 113 33.73 27.27 3.40
N GLY B 114 33.56 28.51 3.83
CA GLY B 114 34.75 29.35 4.00
C GLY B 114 35.01 30.08 2.70
N ASP B 115 34.07 29.98 1.76
CA ASP B 115 34.18 30.64 0.46
C ASP B 115 33.66 32.06 0.44
N VAL B 116 32.75 32.37 1.35
CA VAL B 116 32.19 33.72 1.43
C VAL B 116 32.49 34.20 2.84
N LEU B 117 32.81 35.48 2.97
CA LEU B 117 33.15 36.06 4.26
C LEU B 117 31.88 36.42 5.00
N PRO B 118 31.84 36.20 6.32
CA PRO B 118 30.63 36.55 7.07
C PRO B 118 30.53 38.04 7.31
N ASP B 119 29.31 38.51 7.51
CA ASP B 119 29.14 39.90 7.88
C ASP B 119 29.21 39.84 9.41
N ARG B 120 30.34 40.26 9.97
CA ARG B 120 30.58 40.26 11.41
C ARG B 120 29.48 40.91 12.24
N SER B 121 28.59 41.64 11.58
CA SER B 121 27.51 42.29 12.31
C SER B 121 26.31 41.35 12.47
N ILE B 122 26.35 40.22 11.75
CA ILE B 122 25.29 39.22 11.80
C ILE B 122 25.79 37.96 12.50
N PRO B 123 25.37 37.76 13.76
CA PRO B 123 25.77 36.60 14.57
C PRO B 123 25.79 35.26 13.82
N VAL B 124 24.64 34.83 13.30
CA VAL B 124 24.56 33.53 12.61
C VAL B 124 25.64 33.34 11.53
N GLU B 125 26.02 34.41 10.85
CA GLU B 125 27.04 34.27 9.82
C GLU B 125 28.45 34.08 10.39
N TYR B 126 28.87 34.90 11.34
CA TYR B 126 30.23 34.70 11.84
C TYR B 126 30.28 33.50 12.75
N ILE B 127 29.17 33.21 13.42
CA ILE B 127 29.12 32.02 14.27
C ILE B 127 29.32 30.79 13.37
N ILE B 128 28.59 30.74 12.26
CA ILE B 128 28.72 29.61 11.32
C ILE B 128 30.11 29.62 10.72
N TYR B 129 30.56 30.79 10.26
CA TYR B 129 31.89 30.87 9.65
C TYR B 129 33.02 30.43 10.59
N ASP B 130 33.08 31.07 11.76
CA ASP B 130 34.12 30.73 12.72
C ASP B 130 34.06 29.25 13.09
N LEU B 131 32.84 28.74 13.26
CA LEU B 131 32.68 27.34 13.63
C LEU B 131 33.35 26.38 12.62
N TRP B 132 33.06 26.58 11.34
CA TRP B 132 33.66 25.72 10.32
C TRP B 132 35.15 25.94 10.14
N GLU B 133 35.60 27.17 10.37
CA GLU B 133 37.02 27.47 10.25
C GLU B 133 37.76 26.75 11.36
N SER B 134 37.18 26.74 12.56
CA SER B 134 37.83 26.05 13.68
C SER B 134 37.86 24.55 13.41
N MET B 135 36.76 24.01 12.90
CA MET B 135 36.75 22.57 12.61
C MET B 135 37.83 22.21 11.58
N ARG B 136 37.92 23.01 10.53
CA ARG B 136 38.95 22.75 9.50
C ARG B 136 40.35 22.83 10.11
N ALA B 137 40.57 23.85 10.95
CA ALA B 137 41.87 24.00 11.60
C ALA B 137 42.21 22.77 12.42
N HIS B 138 41.21 22.15 13.03
CA HIS B 138 41.45 20.96 13.85
C HIS B 138 41.64 19.68 13.04
N ASP B 139 40.92 19.55 11.93
CA ASP B 139 41.01 18.36 11.08
C ASP B 139 40.28 18.74 9.80
N ARG B 140 41.02 19.34 8.87
CA ARG B 140 40.43 19.80 7.63
C ARG B 140 39.87 18.71 6.75
N GLU B 141 40.51 17.56 6.73
CA GLU B 141 40.01 16.51 5.86
C GLU B 141 38.72 15.98 6.42
N MET B 142 38.66 15.81 7.73
CA MET B 142 37.45 15.30 8.36
C MET B 142 36.36 16.37 8.37
N ALA B 143 36.75 17.64 8.55
CA ALA B 143 35.76 18.72 8.56
C ALA B 143 35.13 18.78 7.17
N ASP B 144 35.98 18.75 6.13
CA ASP B 144 35.47 18.79 4.77
C ASP B 144 34.53 17.63 4.51
N GLU B 145 34.81 16.49 5.16
CA GLU B 145 34.03 15.27 5.03
C GLU B 145 32.56 15.41 5.45
N ILE B 146 32.28 16.29 6.41
CA ILE B 146 30.91 16.48 6.89
C ILE B 146 30.20 17.69 6.27
N LEU B 147 30.83 18.39 5.35
CA LEU B 147 30.18 19.53 4.75
C LEU B 147 28.87 19.16 4.06
N GLU B 148 28.92 18.23 3.11
CA GLU B 148 27.70 17.84 2.39
C GLU B 148 26.58 17.31 3.26
N PRO B 149 26.89 16.40 4.20
CA PRO B 149 25.83 15.87 5.07
C PRO B 149 25.10 17.01 5.78
N VAL B 150 25.86 18.02 6.19
CA VAL B 150 25.27 19.17 6.86
C VAL B 150 24.46 20.00 5.85
N PHE B 151 24.99 20.22 4.66
CA PHE B 151 24.21 20.99 3.66
C PHE B 151 22.94 20.25 3.23
N LEU B 152 23.04 18.92 3.12
CA LEU B 152 21.86 18.12 2.74
C LEU B 152 20.83 18.32 3.86
N PHE B 153 21.28 18.27 5.10
CA PHE B 153 20.36 18.47 6.22
C PHE B 153 19.74 19.87 6.19
N MET B 154 20.58 20.88 5.98
CA MET B 154 20.12 22.25 5.94
C MET B 154 19.11 22.48 4.83
N ARG B 155 19.39 21.95 3.64
CA ARG B 155 18.43 22.13 2.57
C ARG B 155 17.13 21.39 2.90
N ALA B 156 17.22 20.19 3.47
CA ALA B 156 16.01 19.45 3.82
C ALA B 156 15.19 20.20 4.85
N GLN B 157 15.86 21.02 5.67
CA GLN B 157 15.18 21.81 6.71
C GLN B 157 14.03 22.68 6.21
N THR B 158 14.00 23.00 4.93
CA THR B 158 12.93 23.86 4.43
C THR B 158 12.10 23.18 3.35
N ASP B 159 12.42 21.92 3.09
CA ASP B 159 11.73 21.12 2.07
C ASP B 159 10.24 20.92 2.34
N ARG B 160 9.46 20.78 1.27
CA ARG B 160 8.01 20.56 1.35
C ARG B 160 7.64 19.07 1.36
N THR B 161 6.91 18.65 2.39
CA THR B 161 6.50 17.24 2.53
C THR B 161 5.36 16.82 1.58
N ARG B 162 5.64 15.80 0.77
CA ARG B 162 4.66 15.26 -0.17
C ARG B 162 3.66 14.35 0.55
N ALA B 163 2.39 14.74 0.56
CA ALA B 163 1.39 13.92 1.23
C ALA B 163 0.89 12.85 0.27
N ARG B 164 1.24 11.58 0.52
CA ARG B 164 0.78 10.51 -0.35
C ARG B 164 0.46 9.25 0.44
N PRO B 165 -0.31 8.33 -0.17
CA PRO B 165 -0.66 7.09 0.53
C PRO B 165 0.65 6.44 0.97
N MET B 166 0.73 6.04 2.23
CA MET B 166 1.95 5.44 2.73
C MET B 166 1.73 4.42 3.85
N GLY B 167 2.15 3.20 3.60
CA GLY B 167 2.00 2.17 4.60
C GLY B 167 3.25 2.09 5.45
N LEU B 168 3.22 1.21 6.44
CA LEU B 168 4.32 1.02 7.37
C LEU B 168 5.65 0.80 6.65
N GLY B 169 5.67 -0.15 5.70
CA GLY B 169 6.88 -0.46 4.96
C GLY B 169 7.39 0.75 4.22
N GLY B 170 6.47 1.48 3.60
CA GLY B 170 6.86 2.67 2.87
C GLY B 170 7.42 3.75 3.80
N TYR B 171 6.74 3.97 4.93
CA TYR B 171 7.22 4.97 5.86
C TYR B 171 8.59 4.64 6.44
N LEU B 172 8.81 3.40 6.82
CA LEU B 172 10.09 3.02 7.40
C LEU B 172 11.25 3.10 6.40
N GLU B 173 10.98 2.70 5.17
CA GLU B 173 12.01 2.72 4.13
C GLU B 173 12.40 4.18 3.95
N TYR B 174 11.41 5.04 4.07
CA TYR B 174 11.63 6.47 3.96
C TYR B 174 12.48 6.98 5.14
N ARG B 175 12.28 6.43 6.32
CA ARG B 175 13.06 6.86 7.49
C ARG B 175 14.47 6.28 7.46
N GLU B 176 14.63 5.13 6.82
CA GLU B 176 15.96 4.54 6.71
C GLU B 176 16.91 5.52 6.02
N ARG B 177 16.35 6.41 5.22
CA ARG B 177 17.14 7.37 4.47
C ARG B 177 17.06 8.79 5.04
N ASP B 178 16.68 8.92 6.31
CA ASP B 178 16.57 10.25 6.91
C ASP B 178 17.89 11.05 6.87
N VAL B 179 17.86 12.28 6.35
CA VAL B 179 19.07 13.10 6.24
C VAL B 179 19.59 13.58 7.60
N GLY B 180 18.68 13.71 8.55
CA GLY B 180 19.03 14.13 9.89
C GLY B 180 19.82 13.01 10.54
N LYS B 181 19.38 11.78 10.35
CA LYS B 181 20.11 10.65 10.90
C LYS B 181 21.45 10.48 10.23
N GLU B 182 21.53 10.74 8.93
CA GLU B 182 22.82 10.63 8.24
C GLU B 182 23.72 11.74 8.80
N LEU B 183 23.13 12.88 9.11
CA LEU B 183 23.93 13.97 9.67
C LEU B 183 24.50 13.46 10.99
N LEU B 184 23.64 12.92 11.84
CA LEU B 184 24.09 12.43 13.15
C LEU B 184 25.22 11.42 13.01
N ALA B 185 25.07 10.48 12.08
CA ALA B 185 26.10 9.46 11.87
C ALA B 185 27.37 10.14 11.36
N ALA B 186 27.23 11.05 10.41
CA ALA B 186 28.39 11.76 9.89
C ALA B 186 29.06 12.60 10.99
N LEU B 187 28.28 13.35 11.77
CA LEU B 187 28.88 14.18 12.81
C LEU B 187 29.56 13.33 13.89
N MET B 188 28.96 12.19 14.22
CA MET B 188 29.53 11.30 15.23
C MET B 188 30.90 10.81 14.78
N ARG B 189 31.00 10.48 13.50
CA ARG B 189 32.24 10.01 12.90
C ARG B 189 33.29 11.10 13.06
N PHE B 190 32.92 12.34 12.73
CA PHE B 190 33.86 13.44 12.89
C PHE B 190 34.28 13.58 14.37
N SER B 191 33.31 13.54 15.25
CA SER B 191 33.56 13.69 16.68
C SER B 191 34.41 12.58 17.28
N MET B 192 34.36 11.41 16.67
CA MET B 192 35.13 10.29 17.19
C MET B 192 36.46 10.12 16.44
N GLY B 193 36.68 10.98 15.45
CA GLY B 193 37.91 10.90 14.66
C GLY B 193 37.94 9.65 13.80
N LEU B 194 36.77 9.07 13.55
CA LEU B 194 36.71 7.85 12.75
C LEU B 194 36.73 8.11 11.25
N LYS B 195 37.91 7.95 10.66
CA LYS B 195 38.09 8.12 9.22
C LYS B 195 37.77 6.77 8.59
N LEU B 196 36.53 6.56 8.16
CA LEU B 196 36.13 5.31 7.55
C LEU B 196 36.11 5.47 6.04
N SER B 197 36.66 4.47 5.35
CA SER B 197 36.72 4.48 3.89
C SER B 197 35.33 4.21 3.31
N PRO B 198 35.09 4.65 2.06
CA PRO B 198 33.79 4.41 1.43
C PRO B 198 33.44 2.94 1.51
N SER B 199 34.47 2.12 1.34
CA SER B 199 34.31 0.67 1.40
C SER B 199 33.88 0.20 2.79
N GLU B 200 34.43 0.80 3.84
CA GLU B 200 34.05 0.38 5.19
C GLU B 200 32.63 0.83 5.42
N LEU B 201 32.32 2.06 4.99
CA LEU B 201 30.98 2.59 5.17
C LEU B 201 29.95 1.71 4.49
N GLN B 202 30.21 1.33 3.25
CA GLN B 202 29.29 0.48 2.51
C GLN B 202 29.02 -0.84 3.25
N ARG B 203 29.99 -1.33 4.01
CA ARG B 203 29.81 -2.57 4.76
C ARG B 203 28.79 -2.46 5.91
N VAL B 204 28.54 -1.24 6.38
CA VAL B 204 27.60 -1.04 7.48
C VAL B 204 26.34 -0.31 7.04
N ARG B 205 26.04 -0.35 5.75
CA ARG B 205 24.86 0.33 5.25
C ARG B 205 23.57 -0.26 5.83
N GLU B 206 23.54 -1.57 6.05
CA GLU B 206 22.33 -2.19 6.62
C GLU B 206 22.24 -1.81 8.09
N ILE B 207 23.37 -1.59 8.73
CA ILE B 207 23.37 -1.21 10.12
C ILE B 207 22.86 0.23 10.27
N ASP B 208 23.31 1.11 9.38
CA ASP B 208 22.87 2.52 9.39
C ASP B 208 21.39 2.62 9.10
N ALA B 209 20.91 1.83 8.13
CA ALA B 209 19.49 1.83 7.77
C ALA B 209 18.67 1.40 8.98
N ASN B 210 19.10 0.32 9.61
CA ASN B 210 18.41 -0.22 10.79
C ASN B 210 18.37 0.83 11.92
N CYS B 211 19.52 1.45 12.19
CA CYS B 211 19.65 2.47 13.23
C CYS B 211 18.77 3.69 12.98
N SER B 212 18.86 4.22 11.77
CA SER B 212 18.10 5.40 11.38
C SER B 212 16.62 5.20 11.66
N LYS B 213 16.16 3.98 11.43
CA LYS B 213 14.77 3.61 11.61
C LYS B 213 14.39 3.61 13.08
N HIS B 214 15.25 3.02 13.91
CA HIS B 214 15.06 2.94 15.35
C HIS B 214 14.91 4.37 15.90
N LEU B 215 15.87 5.23 15.56
CA LEU B 215 15.87 6.63 15.95
C LEU B 215 14.57 7.33 15.59
N SER B 216 14.15 7.17 14.33
CA SER B 216 12.96 7.82 13.84
C SER B 216 11.71 7.31 14.57
N VAL B 217 11.59 5.99 14.72
CA VAL B 217 10.40 5.44 15.37
C VAL B 217 10.34 5.81 16.86
N VAL B 218 11.47 5.74 17.54
CA VAL B 218 11.46 6.13 18.95
C VAL B 218 11.01 7.60 19.05
N ASN B 219 11.45 8.45 18.11
CA ASN B 219 11.05 9.85 18.12
C ASN B 219 9.54 9.86 17.94
N ASP B 220 9.08 9.11 16.92
CA ASP B 220 7.68 9.01 16.62
C ASP B 220 6.84 8.66 17.83
N ILE B 221 7.30 7.64 18.55
CA ILE B 221 6.59 7.17 19.74
C ILE B 221 6.31 8.27 20.76
N TYR B 222 7.33 9.08 21.06
CA TYR B 222 7.23 10.15 22.04
C TYR B 222 6.74 11.51 21.56
N SER B 223 6.90 11.79 20.28
CA SER B 223 6.45 13.07 19.73
C SER B 223 4.99 13.03 19.28
N TYR B 224 4.39 11.85 19.25
CA TYR B 224 3.01 11.71 18.80
C TYR B 224 1.96 12.65 19.43
N GLU B 225 1.85 12.64 20.75
CA GLU B 225 0.85 13.48 21.41
C GLU B 225 0.96 14.95 20.97
N LYS B 226 2.18 15.47 20.87
CA LYS B 226 2.38 16.85 20.43
C LYS B 226 2.00 16.99 18.96
N GLU B 227 2.34 15.98 18.16
CA GLU B 227 2.02 16.00 16.73
C GLU B 227 0.51 16.08 16.57
N LEU B 228 -0.22 15.55 17.56
CA LEU B 228 -1.67 15.57 17.55
C LEU B 228 -2.16 16.89 18.14
N TYR B 229 -1.37 17.95 17.99
CA TYR B 229 -1.70 19.26 18.52
C TYR B 229 -1.93 19.17 20.02
N ILE B 240 -1.77 16.76 7.88
CA ILE B 240 -0.68 16.00 7.28
C ILE B 240 0.22 15.32 8.30
N LEU B 241 -0.35 14.44 9.11
CA LEU B 241 0.43 13.72 10.13
C LEU B 241 1.12 12.50 9.51
N CYS B 242 2.45 12.54 9.40
CA CYS B 242 3.21 11.43 8.83
C CYS B 242 4.10 10.81 9.89
N THR B 243 3.56 9.79 10.56
CA THR B 243 4.27 9.14 11.64
C THR B 243 3.93 7.65 11.75
N SER B 244 4.89 6.83 12.20
CA SER B 244 4.63 5.39 12.32
C SER B 244 3.50 5.07 13.30
N VAL B 245 3.30 5.92 14.30
CA VAL B 245 2.25 5.69 15.29
C VAL B 245 0.86 5.71 14.68
N GLN B 246 0.57 6.75 13.91
CA GLN B 246 -0.73 6.84 13.28
C GLN B 246 -0.87 5.77 12.20
N ILE B 247 0.18 5.59 11.41
CA ILE B 247 0.13 4.60 10.34
C ILE B 247 -0.12 3.19 10.86
N LEU B 248 0.61 2.78 11.89
CA LEU B 248 0.41 1.43 12.43
C LEU B 248 -0.93 1.33 13.14
N ALA B 249 -1.35 2.42 13.76
CA ALA B 249 -2.61 2.42 14.51
C ALA B 249 -3.78 2.19 13.56
N GLN B 250 -3.75 2.84 12.41
CA GLN B 250 -4.79 2.66 11.42
C GLN B 250 -4.66 1.32 10.68
N GLU B 251 -3.43 0.88 10.41
CA GLU B 251 -3.26 -0.38 9.69
C GLU B 251 -3.68 -1.58 10.51
N ALA B 252 -3.39 -1.59 11.81
CA ALA B 252 -3.79 -2.70 12.67
C ALA B 252 -5.11 -2.41 13.38
N ASP B 253 -5.68 -1.24 13.17
CA ASP B 253 -6.92 -0.82 13.84
C ASP B 253 -6.81 -0.91 15.36
N VAL B 254 -5.86 -0.16 15.92
CA VAL B 254 -5.69 -0.13 17.37
C VAL B 254 -5.49 1.33 17.73
N THR B 255 -5.46 1.63 19.03
CA THR B 255 -5.28 3.00 19.50
C THR B 255 -3.81 3.37 19.30
N ALA B 256 -3.54 4.66 19.26
CA ALA B 256 -2.18 5.15 19.10
C ALA B 256 -1.33 4.58 20.24
N GLU B 257 -1.89 4.56 21.45
CA GLU B 257 -1.14 4.01 22.59
C GLU B 257 -0.73 2.57 22.31
N ALA B 258 -1.65 1.78 21.77
CA ALA B 258 -1.33 0.39 21.49
C ALA B 258 -0.25 0.35 20.40
N ALA B 259 -0.42 1.22 19.41
CA ALA B 259 0.55 1.31 18.32
C ALA B 259 1.94 1.62 18.88
N LYS B 260 2.02 2.58 19.81
CA LYS B 260 3.31 2.93 20.39
C LYS B 260 3.90 1.71 21.04
N ARG B 261 3.04 0.96 21.71
CA ARG B 261 3.47 -0.25 22.39
C ARG B 261 4.06 -1.29 21.41
N VAL B 262 3.40 -1.53 20.29
CA VAL B 262 3.91 -2.53 19.32
C VAL B 262 5.19 -2.02 18.66
N LEU B 263 5.19 -0.72 18.32
CA LEU B 263 6.34 -0.09 17.72
C LEU B 263 7.55 -0.15 18.64
N PHE B 264 7.32 -0.09 19.95
CA PHE B 264 8.46 -0.15 20.86
C PHE B 264 9.12 -1.52 20.81
N VAL B 265 8.29 -2.54 20.74
CA VAL B 265 8.79 -3.91 20.66
C VAL B 265 9.54 -4.05 19.33
N MET B 266 8.98 -3.44 18.28
CA MET B 266 9.62 -3.47 16.99
C MET B 266 11.02 -2.85 17.13
N CYS B 267 11.13 -1.81 17.97
CA CYS B 267 12.44 -1.15 18.14
C CYS B 267 13.46 -2.08 18.80
N ARG B 268 12.99 -2.91 19.73
CA ARG B 268 13.89 -3.86 20.39
C ARG B 268 14.32 -4.92 19.35
N GLU B 269 13.43 -5.24 18.41
CA GLU B 269 13.79 -6.20 17.38
C GLU B 269 14.90 -5.54 16.57
N TRP B 270 14.74 -4.27 16.20
CA TRP B 270 15.81 -3.61 15.45
C TRP B 270 17.10 -3.54 16.27
N GLU B 271 16.96 -3.57 17.60
CA GLU B 271 18.16 -3.54 18.43
C GLU B 271 18.89 -4.88 18.30
N LEU B 272 18.14 -5.97 18.33
CA LEU B 272 18.71 -7.31 18.19
C LEU B 272 19.30 -7.43 16.78
N ARG B 273 18.59 -6.89 15.79
CA ARG B 273 19.09 -6.95 14.44
C ARG B 273 20.46 -6.26 14.36
N HIS B 274 20.58 -5.13 15.04
CA HIS B 274 21.82 -4.38 15.05
C HIS B 274 22.94 -5.30 15.60
N GLN B 275 22.64 -6.02 16.68
CA GLN B 275 23.63 -6.91 17.25
C GLN B 275 23.99 -8.07 16.33
N LEU B 276 23.00 -8.56 15.60
CA LEU B 276 23.25 -9.66 14.67
C LEU B 276 24.08 -9.16 13.49
N LEU B 277 23.77 -7.98 13.00
CA LEU B 277 24.55 -7.46 11.87
C LEU B 277 25.99 -7.20 12.30
N VAL B 278 26.18 -6.77 13.54
CA VAL B 278 27.52 -6.51 14.01
C VAL B 278 28.32 -7.81 14.15
N ALA B 279 27.67 -8.88 14.62
CA ALA B 279 28.35 -10.16 14.77
C ALA B 279 28.71 -10.72 13.38
N ARG B 280 27.81 -10.54 12.41
CA ARG B 280 28.11 -11.03 11.08
C ARG B 280 29.35 -10.33 10.56
N LEU B 281 29.35 -9.01 10.68
CA LEU B 281 30.45 -8.18 10.22
C LEU B 281 31.77 -8.73 10.77
N SER B 282 31.79 -9.03 12.06
CA SER B 282 32.99 -9.56 12.67
C SER B 282 33.26 -10.98 12.15
N ALA B 283 32.22 -11.80 12.11
CA ALA B 283 32.35 -13.19 11.67
C ALA B 283 32.86 -13.34 10.24
N GLU B 284 32.63 -12.34 9.41
CA GLU B 284 33.09 -12.39 8.04
C GLU B 284 34.46 -11.72 7.94
N GLY B 285 34.99 -11.33 9.09
CA GLY B 285 36.29 -10.68 9.11
C GLY B 285 36.27 -9.29 8.51
N LEU B 286 35.13 -8.63 8.57
CA LEU B 286 35.01 -7.29 8.01
C LEU B 286 34.98 -6.16 9.04
N GLU B 287 35.05 -6.49 10.33
CA GLU B 287 34.99 -5.49 11.38
C GLU B 287 36.32 -4.86 11.80
N THR B 288 36.69 -3.78 11.13
CA THR B 288 37.94 -3.10 11.46
C THR B 288 37.80 -2.39 12.80
N PRO B 289 38.91 -1.87 13.34
CA PRO B 289 38.86 -1.16 14.62
C PRO B 289 37.91 0.03 14.58
N GLY B 290 37.98 0.81 13.50
CA GLY B 290 37.12 1.97 13.36
C GLY B 290 35.65 1.55 13.31
N LEU B 291 35.34 0.53 12.52
CA LEU B 291 33.96 0.06 12.42
C LEU B 291 33.42 -0.45 13.76
N ALA B 292 34.28 -1.05 14.58
CA ALA B 292 33.81 -1.55 15.86
C ALA B 292 33.42 -0.35 16.71
N ALA B 293 34.23 0.70 16.62
CA ALA B 293 33.99 1.94 17.34
C ALA B 293 32.74 2.61 16.77
N TYR B 294 32.60 2.52 15.46
CA TYR B 294 31.46 3.12 14.81
C TYR B 294 30.14 2.49 15.24
N VAL B 295 30.04 1.17 15.07
CA VAL B 295 28.82 0.47 15.40
C VAL B 295 28.40 0.63 16.85
N GLU B 296 29.36 0.67 17.75
CA GLU B 296 29.03 0.86 19.16
C GLU B 296 28.51 2.30 19.28
N GLY B 297 29.08 3.20 18.49
CA GLY B 297 28.62 4.58 18.55
C GLY B 297 27.14 4.67 18.25
N LEU B 298 26.73 3.95 17.21
CA LEU B 298 25.34 3.93 16.80
C LEU B 298 24.48 3.37 17.92
N GLU B 299 25.00 2.38 18.63
CA GLU B 299 24.23 1.79 19.69
C GLU B 299 23.91 2.87 20.75
N TYR B 300 24.86 3.77 21.02
CA TYR B 300 24.56 4.81 22.00
C TYR B 300 23.69 5.89 21.39
N GLN B 301 23.65 5.96 20.06
CA GLN B 301 22.77 6.96 19.44
C GLN B 301 21.35 6.47 19.65
N MET B 302 21.15 5.15 19.56
CA MET B 302 19.82 4.61 19.76
C MET B 302 19.37 4.77 21.21
N SER B 303 20.17 4.32 22.16
CA SER B 303 19.79 4.46 23.57
C SER B 303 19.72 5.95 23.97
N GLY B 304 20.66 6.75 23.48
CA GLY B 304 20.67 8.18 23.78
C GLY B 304 19.44 8.92 23.27
N ASN B 305 19.09 8.65 22.01
CA ASN B 305 17.92 9.24 21.37
C ASN B 305 16.69 8.83 22.14
N GLU B 306 16.69 7.60 22.65
CA GLU B 306 15.54 7.12 23.41
C GLU B 306 15.38 7.95 24.71
N LEU B 307 16.47 8.12 25.45
CA LEU B 307 16.40 8.89 26.71
C LEU B 307 15.94 10.32 26.39
N TRP B 308 16.57 10.91 25.37
CA TRP B 308 16.21 12.26 24.94
C TRP B 308 14.75 12.35 24.57
N SER B 309 14.23 11.39 23.81
CA SER B 309 12.81 11.40 23.41
C SER B 309 11.84 11.34 24.61
N GLN B 310 12.28 10.72 25.69
CA GLN B 310 11.46 10.57 26.88
C GLN B 310 11.54 11.78 27.79
N THR B 311 12.55 12.63 27.59
CA THR B 311 12.73 13.77 28.48
C THR B 311 12.66 15.18 27.86
N THR B 312 12.81 15.29 26.55
CA THR B 312 12.80 16.59 25.91
C THR B 312 11.48 17.34 26.02
N LEU B 313 11.57 18.66 26.18
CA LEU B 313 10.40 19.52 26.30
C LEU B 313 9.83 19.78 24.94
N ARG B 314 10.62 19.49 23.92
CA ARG B 314 10.22 19.66 22.53
C ARG B 314 8.97 18.83 22.25
N TYR B 315 8.68 17.86 23.11
CA TYR B 315 7.50 16.99 22.95
C TYR B 315 6.46 17.17 24.07
N SER B 316 6.59 18.23 24.87
CA SER B 316 5.67 18.49 25.99
C SER B 316 4.21 18.72 25.60
N VAL B 317 3.92 19.94 25.12
CA VAL B 317 2.59 20.40 24.68
C VAL B 317 2.52 21.92 24.72
N SER C 13 11.35 -21.68 22.91
CA SER C 13 11.13 -21.52 21.44
C SER C 13 9.89 -20.66 21.17
N LEU C 14 10.11 -19.38 20.85
CA LEU C 14 9.00 -18.45 20.59
C LEU C 14 8.08 -18.48 21.81
N GLU C 15 8.34 -17.60 22.77
CA GLU C 15 7.54 -17.52 23.98
C GLU C 15 6.38 -16.57 23.75
N PRO C 16 5.16 -17.09 23.70
CA PRO C 16 4.02 -16.20 23.48
C PRO C 16 3.98 -15.20 24.64
N PRO C 17 3.62 -13.95 24.36
CA PRO C 17 3.57 -12.98 25.44
C PRO C 17 2.37 -13.28 26.35
N PRO C 18 2.39 -12.75 27.59
CA PRO C 18 1.31 -12.94 28.56
C PRO C 18 -0.06 -12.67 27.99
N SER C 19 -1.04 -13.46 28.42
CA SER C 19 -2.41 -13.31 27.97
C SER C 19 -3.39 -13.52 29.10
N THR C 20 -4.45 -12.73 29.10
CA THR C 20 -5.48 -12.84 30.15
C THR C 20 -6.55 -13.87 29.74
N PHE C 21 -6.49 -14.29 28.47
CA PHE C 21 -7.44 -15.26 27.91
C PHE C 21 -7.04 -16.70 28.20
N GLN C 22 -7.90 -17.44 28.88
CA GLN C 22 -7.59 -18.83 29.18
C GLN C 22 -8.51 -19.71 28.32
N PRO C 23 -7.93 -20.65 27.56
CA PRO C 23 -8.83 -21.48 26.76
C PRO C 23 -9.52 -22.53 27.62
N LEU C 24 -10.66 -22.99 27.12
CA LEU C 24 -11.43 -24.04 27.79
C LEU C 24 -11.73 -25.07 26.73
N CYS C 25 -12.17 -26.24 27.15
CA CYS C 25 -12.47 -27.29 26.22
C CYS C 25 -13.85 -27.84 26.58
N HIS C 26 -14.64 -28.16 25.57
CA HIS C 26 -15.97 -28.66 25.82
C HIS C 26 -15.98 -29.93 26.66
N PRO C 27 -16.87 -29.99 27.67
CA PRO C 27 -17.05 -31.12 28.60
C PRO C 27 -17.13 -32.48 27.92
N LEU C 28 -17.84 -32.52 26.79
CA LEU C 28 -18.05 -33.77 26.08
C LEU C 28 -17.09 -34.12 24.96
N VAL C 29 -15.96 -33.43 24.87
CA VAL C 29 -15.01 -33.69 23.80
C VAL C 29 -14.74 -35.18 23.59
N GLU C 30 -14.52 -35.91 24.67
CA GLU C 30 -14.24 -37.33 24.60
C GLU C 30 -15.39 -38.12 23.97
N GLU C 31 -16.60 -37.85 24.46
CA GLU C 31 -17.80 -38.49 23.95
C GLU C 31 -18.08 -38.08 22.49
N VAL C 32 -17.99 -36.79 22.21
CA VAL C 32 -18.24 -36.31 20.85
C VAL C 32 -17.19 -36.83 19.85
N SER C 33 -15.93 -36.78 20.26
CA SER C 33 -14.82 -37.24 19.42
C SER C 33 -14.97 -38.68 18.92
N LYS C 34 -15.33 -39.60 19.82
CA LYS C 34 -15.53 -41.01 19.45
C LYS C 34 -16.65 -41.13 18.41
N GLU C 35 -17.80 -40.56 18.72
CA GLU C 35 -18.96 -40.58 17.85
C GLU C 35 -18.70 -40.04 16.44
N VAL C 36 -18.25 -38.78 16.36
CA VAL C 36 -18.00 -38.13 15.07
C VAL C 36 -16.83 -38.71 14.31
N ASP C 37 -15.69 -38.89 14.99
CA ASP C 37 -14.52 -39.45 14.32
C ASP C 37 -14.88 -40.87 13.91
N GLY C 38 -15.60 -41.56 14.78
CA GLY C 38 -16.01 -42.93 14.49
C GLY C 38 -16.89 -42.93 13.26
N TYR C 39 -17.95 -42.12 13.32
CA TYR C 39 -18.89 -42.01 12.21
C TYR C 39 -18.18 -41.74 10.87
N PHE C 40 -17.19 -40.85 10.86
CA PHE C 40 -16.47 -40.54 9.62
C PHE C 40 -15.54 -41.67 9.19
N LEU C 41 -14.90 -42.33 10.13
CA LEU C 41 -14.02 -43.43 9.80
C LEU C 41 -14.82 -44.57 9.18
N GLN C 42 -16.05 -44.72 9.66
CA GLN C 42 -16.96 -45.75 9.21
C GLN C 42 -17.79 -45.31 8.00
N HIS C 43 -17.33 -44.30 7.26
CA HIS C 43 -18.09 -43.79 6.10
C HIS C 43 -17.31 -42.98 5.06
N TRP C 44 -16.27 -42.30 5.50
CA TRP C 44 -15.49 -41.45 4.60
C TRP C 44 -14.46 -42.10 3.68
N ASN C 45 -14.28 -41.49 2.50
CA ASN C 45 -13.32 -41.96 1.51
C ASN C 45 -12.04 -41.14 1.45
N PHE C 46 -10.99 -41.70 2.07
CA PHE C 46 -9.63 -41.15 2.15
C PHE C 46 -8.81 -42.35 2.66
N PRO C 47 -8.91 -43.49 1.94
CA PRO C 47 -8.45 -44.88 1.89
C PRO C 47 -7.93 -45.62 3.12
N ARG C 52 -5.18 -45.78 4.34
CA ARG C 52 -4.24 -44.82 5.13
C ARG C 52 -4.62 -43.33 5.25
N LYS C 53 -4.57 -42.92 6.55
CA LYS C 53 -5.00 -41.58 6.94
C LYS C 53 -5.10 -41.21 8.47
N LYS C 54 -4.13 -40.39 8.95
CA LYS C 54 -4.00 -39.92 10.32
C LYS C 54 -5.23 -39.17 10.85
N PHE C 55 -6.42 -39.65 10.50
CA PHE C 55 -7.65 -39.01 10.93
C PHE C 55 -7.79 -38.92 12.44
N VAL C 56 -7.68 -40.06 13.13
CA VAL C 56 -7.76 -40.03 14.59
C VAL C 56 -6.34 -39.76 15.06
N ALA C 57 -6.03 -38.47 15.07
CA ALA C 57 -4.75 -37.92 15.45
C ALA C 57 -5.01 -36.48 15.02
N ALA C 58 -5.99 -36.34 14.14
CA ALA C 58 -6.40 -35.04 13.61
C ALA C 58 -7.52 -34.60 14.53
N GLY C 59 -7.25 -33.56 15.30
CA GLY C 59 -8.22 -33.05 16.24
C GLY C 59 -9.64 -33.07 15.69
N PHE C 60 -9.91 -32.16 14.76
CA PHE C 60 -11.23 -32.03 14.17
C PHE C 60 -12.26 -31.91 15.27
N SER C 61 -12.73 -33.03 15.79
CA SER C 61 -13.72 -32.97 16.84
C SER C 61 -13.15 -32.34 18.10
N ARG C 62 -11.89 -32.61 18.39
CA ARG C 62 -11.26 -32.03 19.57
C ARG C 62 -10.95 -30.55 19.32
N VAL C 63 -10.61 -30.21 18.08
CA VAL C 63 -10.31 -28.82 17.73
C VAL C 63 -11.61 -28.02 17.83
N THR C 64 -12.69 -28.59 17.33
CA THR C 64 -14.01 -27.96 17.37
C THR C 64 -14.39 -27.73 18.84
N CYS C 65 -14.01 -28.65 19.73
CA CYS C 65 -14.35 -28.50 21.13
C CYS C 65 -13.52 -27.41 21.80
N LEU C 66 -12.35 -27.12 21.23
CA LEU C 66 -11.48 -26.08 21.78
C LEU C 66 -12.03 -24.71 21.40
N TYR C 67 -12.69 -24.65 20.25
CA TYR C 67 -13.25 -23.40 19.76
C TYR C 67 -14.60 -23.04 20.34
N PHE C 68 -15.39 -24.05 20.69
CA PHE C 68 -16.75 -23.87 21.23
C PHE C 68 -16.92 -24.59 22.58
N PRO C 69 -16.12 -24.22 23.58
CA PRO C 69 -16.24 -24.89 24.88
C PRO C 69 -17.64 -24.77 25.45
N LYS C 70 -18.33 -23.70 25.12
CA LYS C 70 -19.66 -23.53 25.68
C LYS C 70 -20.82 -23.84 24.74
N ALA C 71 -20.57 -24.68 23.74
CA ALA C 71 -21.63 -25.06 22.83
C ALA C 71 -22.60 -25.91 23.66
N LEU C 72 -23.88 -25.88 23.32
CA LEU C 72 -24.86 -26.68 24.02
C LEU C 72 -24.44 -28.14 23.88
N ASP C 73 -24.65 -28.90 24.94
CA ASP C 73 -24.29 -30.31 24.99
C ASP C 73 -24.88 -31.18 23.89
N ASP C 74 -26.04 -30.78 23.37
CA ASP C 74 -26.68 -31.54 22.31
C ASP C 74 -26.44 -30.97 20.91
N ARG C 75 -25.67 -29.88 20.84
CA ARG C 75 -25.37 -29.30 19.54
C ARG C 75 -23.88 -29.38 19.19
N ILE C 76 -23.06 -29.69 20.18
CA ILE C 76 -21.62 -29.75 19.91
C ILE C 76 -21.28 -30.76 18.82
N HIS C 77 -21.97 -31.88 18.78
CA HIS C 77 -21.68 -32.88 17.76
C HIS C 77 -22.00 -32.36 16.36
N PHE C 78 -22.98 -31.46 16.25
CA PHE C 78 -23.31 -30.89 14.95
C PHE C 78 -22.09 -30.12 14.44
N ALA C 79 -21.58 -29.19 15.25
CA ALA C 79 -20.40 -28.41 14.89
C ALA C 79 -19.21 -29.28 14.48
N CYS C 80 -18.92 -30.31 15.29
CA CYS C 80 -17.77 -31.18 15.00
C CYS C 80 -17.97 -31.83 13.65
N ARG C 81 -19.20 -32.25 13.38
CA ARG C 81 -19.52 -32.88 12.11
C ARG C 81 -19.36 -31.90 10.95
N LEU C 82 -19.93 -30.71 11.08
CA LEU C 82 -19.85 -29.70 10.01
C LEU C 82 -18.41 -29.33 9.70
N LEU C 83 -17.59 -29.15 10.73
CA LEU C 83 -16.20 -28.77 10.50
C LEU C 83 -15.38 -29.95 10.02
N THR C 84 -15.72 -31.14 10.47
CA THR C 84 -14.98 -32.29 10.01
C THR C 84 -15.17 -32.48 8.50
N VAL C 85 -16.41 -32.49 8.03
CA VAL C 85 -16.67 -32.67 6.61
C VAL C 85 -16.13 -31.49 5.78
N LEU C 86 -16.32 -30.27 6.28
CA LEU C 86 -15.82 -29.10 5.56
C LEU C 86 -14.32 -29.16 5.43
N PHE C 87 -13.65 -29.56 6.51
CA PHE C 87 -12.19 -29.66 6.47
C PHE C 87 -11.71 -30.84 5.66
N LEU C 88 -12.48 -31.93 5.64
CA LEU C 88 -12.10 -33.10 4.83
C LEU C 88 -12.30 -32.72 3.37
N ILE C 89 -13.42 -32.06 3.09
CA ILE C 89 -13.72 -31.61 1.74
C ILE C 89 -12.63 -30.64 1.30
N ASP C 90 -12.17 -29.83 2.24
CA ASP C 90 -11.13 -28.85 1.93
C ASP C 90 -9.83 -29.59 1.67
N ASP C 91 -9.65 -30.72 2.35
CA ASP C 91 -8.45 -31.53 2.18
C ASP C 91 -8.50 -32.18 0.80
N LEU C 92 -9.68 -32.65 0.41
CA LEU C 92 -9.83 -33.27 -0.89
C LEU C 92 -9.45 -32.27 -1.97
N LEU C 93 -10.25 -31.21 -2.06
CA LEU C 93 -10.09 -30.15 -3.04
C LEU C 93 -8.69 -29.92 -3.60
N GLU C 94 -7.67 -30.15 -2.79
CA GLU C 94 -6.29 -29.95 -3.23
C GLU C 94 -5.88 -30.91 -4.34
N TYR C 95 -6.75 -31.89 -4.63
CA TYR C 95 -6.46 -32.86 -5.68
C TYR C 95 -7.27 -32.61 -6.95
N MET C 96 -7.99 -31.50 -7.00
CA MET C 96 -8.79 -31.20 -8.19
C MET C 96 -8.71 -29.76 -8.65
N SER C 97 -8.95 -29.55 -9.94
CA SER C 97 -8.92 -28.24 -10.55
C SER C 97 -9.77 -27.28 -9.75
N PHE C 98 -9.48 -25.99 -9.86
CA PHE C 98 -10.26 -24.99 -9.14
C PHE C 98 -11.71 -25.00 -9.64
N GLU C 99 -11.97 -25.83 -10.65
CA GLU C 99 -13.30 -25.93 -11.20
C GLU C 99 -13.90 -27.32 -10.96
N GLU C 100 -13.04 -28.34 -10.85
CA GLU C 100 -13.53 -29.68 -10.54
C GLU C 100 -14.05 -29.57 -9.11
N GLY C 101 -13.29 -28.84 -8.30
CA GLY C 101 -13.66 -28.64 -6.91
C GLY C 101 -14.81 -27.66 -6.78
N SER C 102 -14.83 -26.64 -7.63
CA SER C 102 -15.90 -25.65 -7.58
C SER C 102 -17.24 -26.32 -7.82
N ALA C 103 -17.26 -27.21 -8.81
CA ALA C 103 -18.48 -27.96 -9.14
C ALA C 103 -18.75 -28.96 -8.03
N TYR C 104 -17.67 -29.54 -7.51
CA TYR C 104 -17.77 -30.50 -6.44
C TYR C 104 -18.64 -29.91 -5.33
N ASN C 105 -18.21 -28.78 -4.77
CA ASN C 105 -18.96 -28.11 -3.70
C ASN C 105 -20.29 -27.51 -4.14
N GLU C 106 -20.33 -27.00 -5.37
CA GLU C 106 -21.55 -26.39 -5.87
C GLU C 106 -22.71 -27.38 -5.93
N LYS C 107 -22.38 -28.67 -5.93
CA LYS C 107 -23.37 -29.73 -5.97
C LYS C 107 -23.97 -29.91 -4.57
N LEU C 108 -23.10 -29.88 -3.57
CA LEU C 108 -23.50 -30.09 -2.19
C LEU C 108 -24.45 -29.06 -1.60
N ILE C 109 -24.45 -27.85 -2.14
CA ILE C 109 -25.31 -26.79 -1.61
C ILE C 109 -26.83 -27.08 -1.65
N PRO C 110 -27.35 -27.62 -2.76
CA PRO C 110 -28.79 -27.92 -2.82
C PRO C 110 -29.12 -29.09 -1.89
N ILE C 111 -28.18 -30.03 -1.81
CA ILE C 111 -28.32 -31.18 -0.92
C ILE C 111 -28.38 -30.62 0.51
N SER C 112 -27.49 -29.66 0.77
CA SER C 112 -27.41 -29.01 2.08
C SER C 112 -28.74 -28.36 2.42
N ARG C 113 -29.34 -27.70 1.43
CA ARG C 113 -30.61 -27.00 1.63
C ARG C 113 -31.79 -27.94 1.84
N GLY C 114 -31.60 -29.21 1.49
CA GLY C 114 -32.65 -30.21 1.63
C GLY C 114 -33.49 -30.39 0.37
N ASP C 115 -33.34 -29.46 -0.57
CA ASP C 115 -34.08 -29.49 -1.82
C ASP C 115 -33.79 -30.73 -2.68
N VAL C 116 -32.51 -30.98 -2.91
CA VAL C 116 -32.09 -32.13 -3.69
C VAL C 116 -31.79 -33.29 -2.77
N LEU C 117 -32.10 -34.51 -3.23
CA LEU C 117 -31.85 -35.70 -2.44
C LEU C 117 -30.40 -36.12 -2.70
N PRO C 118 -29.80 -36.84 -1.74
CA PRO C 118 -28.42 -37.29 -1.89
C PRO C 118 -28.27 -38.61 -2.61
N ASP C 119 -27.20 -38.75 -3.38
CA ASP C 119 -26.94 -40.02 -4.04
C ASP C 119 -26.43 -40.85 -2.87
N ARG C 120 -27.24 -41.79 -2.42
CA ARG C 120 -26.94 -42.64 -1.28
C ARG C 120 -25.70 -43.51 -1.42
N SER C 121 -25.11 -43.53 -2.61
CA SER C 121 -23.91 -44.33 -2.83
C SER C 121 -22.68 -43.44 -2.73
N ILE C 122 -22.90 -42.13 -2.64
CA ILE C 122 -21.81 -41.16 -2.53
C ILE C 122 -21.74 -40.63 -1.09
N PRO C 123 -20.69 -41.01 -0.34
CA PRO C 123 -20.48 -40.60 1.06
C PRO C 123 -20.73 -39.13 1.39
N VAL C 124 -19.93 -38.24 0.81
CA VAL C 124 -20.07 -36.82 1.08
C VAL C 124 -21.50 -36.29 0.92
N GLU C 125 -22.23 -36.83 -0.05
CA GLU C 125 -23.59 -36.37 -0.31
C GLU C 125 -24.62 -36.73 0.76
N TYR C 126 -24.71 -38.02 1.10
CA TYR C 126 -25.67 -38.38 2.11
C TYR C 126 -25.25 -37.86 3.48
N ILE C 127 -23.94 -37.77 3.71
CA ILE C 127 -23.50 -37.25 5.00
C ILE C 127 -23.89 -35.78 5.09
N ILE C 128 -23.67 -35.04 3.99
CA ILE C 128 -24.04 -33.63 3.96
C ILE C 128 -25.53 -33.55 4.25
N TYR C 129 -26.30 -34.29 3.47
CA TYR C 129 -27.74 -34.32 3.58
C TYR C 129 -28.23 -34.67 4.99
N ASP C 130 -27.78 -35.81 5.51
CA ASP C 130 -28.19 -36.27 6.83
C ASP C 130 -27.90 -35.22 7.90
N LEU C 131 -26.71 -34.64 7.82
CA LEU C 131 -26.25 -33.63 8.77
C LEU C 131 -27.20 -32.43 8.81
N TRP C 132 -27.45 -31.82 7.66
CA TRP C 132 -28.33 -30.66 7.63
C TRP C 132 -29.77 -31.02 8.02
N GLU C 133 -30.24 -32.20 7.62
CA GLU C 133 -31.59 -32.60 7.99
C GLU C 133 -31.62 -32.63 9.52
N SER C 134 -30.55 -33.16 10.12
CA SER C 134 -30.47 -33.24 11.58
C SER C 134 -30.52 -31.86 12.21
N MET C 135 -29.69 -30.96 11.70
CA MET C 135 -29.65 -29.60 12.22
C MET C 135 -31.02 -28.94 12.11
N ARG C 136 -31.69 -29.14 10.99
CA ARG C 136 -33.01 -28.54 10.83
C ARG C 136 -34.03 -29.19 11.76
N ALA C 137 -33.87 -30.49 12.00
CA ALA C 137 -34.77 -31.21 12.87
C ALA C 137 -34.55 -30.82 14.33
N HIS C 138 -33.38 -30.27 14.61
CA HIS C 138 -33.08 -29.87 15.98
C HIS C 138 -33.47 -28.40 16.25
N ASP C 139 -33.12 -27.51 15.33
CA ASP C 139 -33.47 -26.09 15.47
C ASP C 139 -33.55 -25.48 14.08
N ARG C 140 -34.65 -25.80 13.40
CA ARG C 140 -34.92 -25.34 12.03
C ARG C 140 -34.48 -23.92 11.73
N GLU C 141 -35.02 -22.99 12.51
CA GLU C 141 -34.73 -21.57 12.35
C GLU C 141 -33.23 -21.24 12.40
N MET C 142 -32.54 -21.69 13.43
CA MET C 142 -31.10 -21.42 13.53
C MET C 142 -30.28 -22.18 12.51
N ALA C 143 -30.69 -23.43 12.23
CA ALA C 143 -29.98 -24.24 11.27
C ALA C 143 -29.96 -23.51 9.92
N ASP C 144 -31.07 -22.86 9.60
CA ASP C 144 -31.17 -22.14 8.34
C ASP C 144 -30.32 -20.85 8.37
N GLU C 145 -30.25 -20.22 9.54
CA GLU C 145 -29.48 -18.98 9.68
C GLU C 145 -28.03 -19.13 9.21
N ILE C 146 -27.46 -20.32 9.34
CA ILE C 146 -26.07 -20.53 8.94
C ILE C 146 -25.89 -21.24 7.59
N LEU C 147 -26.99 -21.42 6.87
CA LEU C 147 -26.92 -22.05 5.55
C LEU C 147 -25.98 -21.21 4.69
N GLU C 148 -26.22 -19.91 4.68
CA GLU C 148 -25.40 -18.99 3.89
C GLU C 148 -23.94 -18.94 4.33
N PRO C 149 -23.71 -18.71 5.63
CA PRO C 149 -22.32 -18.65 6.08
C PRO C 149 -21.53 -19.84 5.56
N VAL C 150 -22.12 -21.03 5.62
CA VAL C 150 -21.43 -22.22 5.14
C VAL C 150 -21.26 -22.18 3.64
N PHE C 151 -22.27 -21.70 2.94
CA PHE C 151 -22.19 -21.63 1.49
C PHE C 151 -21.09 -20.66 1.09
N LEU C 152 -20.98 -19.53 1.78
CA LEU C 152 -19.93 -18.57 1.47
C LEU C 152 -18.60 -19.26 1.61
N PHE C 153 -18.44 -20.00 2.71
CA PHE C 153 -17.19 -20.71 2.96
C PHE C 153 -16.87 -21.74 1.90
N MET C 154 -17.87 -22.55 1.53
CA MET C 154 -17.66 -23.58 0.51
C MET C 154 -17.30 -22.94 -0.82
N ARG C 155 -18.09 -21.96 -1.24
CA ARG C 155 -17.80 -21.31 -2.51
C ARG C 155 -16.42 -20.68 -2.43
N ALA C 156 -16.08 -20.17 -1.25
CA ALA C 156 -14.79 -19.53 -1.02
C ALA C 156 -13.59 -20.48 -1.01
N GLN C 157 -13.79 -21.75 -0.71
CA GLN C 157 -12.65 -22.67 -0.67
C GLN C 157 -12.10 -23.14 -2.01
N THR C 158 -12.80 -22.86 -3.11
CA THR C 158 -12.30 -23.28 -4.43
C THR C 158 -11.96 -22.10 -5.35
N ASP C 159 -12.42 -20.91 -5.00
CA ASP C 159 -12.14 -19.76 -5.84
C ASP C 159 -10.65 -19.39 -5.78
N ARG C 160 -10.21 -18.59 -6.75
CA ARG C 160 -8.82 -18.13 -6.83
C ARG C 160 -8.75 -16.65 -6.55
N THR C 161 -7.69 -16.22 -5.87
CA THR C 161 -7.53 -14.80 -5.60
C THR C 161 -6.48 -14.19 -6.51
N ARG C 162 -6.81 -13.04 -7.10
CA ARG C 162 -5.91 -12.35 -8.00
C ARG C 162 -4.80 -11.67 -7.20
N ALA C 163 -3.56 -11.96 -7.54
CA ALA C 163 -2.40 -11.38 -6.85
C ALA C 163 -2.44 -9.87 -6.89
N ARG C 164 -2.01 -9.23 -5.81
CA ARG C 164 -2.03 -7.79 -5.71
C ARG C 164 -1.02 -7.30 -4.67
N PRO C 165 -0.40 -6.14 -4.91
CA PRO C 165 0.56 -5.63 -3.94
C PRO C 165 -0.18 -5.45 -2.60
N MET C 166 0.20 -6.21 -1.58
CA MET C 166 -0.49 -6.10 -0.31
C MET C 166 0.40 -5.78 0.88
N GLY C 167 0.13 -4.64 1.51
CA GLY C 167 0.88 -4.22 2.67
C GLY C 167 0.26 -4.83 3.90
N LEU C 168 0.76 -4.46 5.08
CA LEU C 168 0.22 -5.03 6.32
C LEU C 168 -1.24 -4.60 6.53
N GLY C 169 -1.53 -3.32 6.29
CA GLY C 169 -2.89 -2.85 6.48
C GLY C 169 -3.87 -3.53 5.54
N GLY C 170 -3.44 -3.77 4.31
CA GLY C 170 -4.30 -4.43 3.35
C GLY C 170 -4.55 -5.86 3.76
N TYR C 171 -3.50 -6.55 4.17
CA TYR C 171 -3.61 -7.95 4.57
C TYR C 171 -4.52 -8.14 5.76
N LEU C 172 -4.36 -7.28 6.76
CA LEU C 172 -5.15 -7.36 7.97
C LEU C 172 -6.62 -7.06 7.72
N GLU C 173 -6.90 -6.12 6.82
CA GLU C 173 -8.28 -5.75 6.50
C GLU C 173 -8.97 -6.93 5.80
N TYR C 174 -8.20 -7.61 4.97
CA TYR C 174 -8.66 -8.77 4.25
C TYR C 174 -9.03 -9.87 5.27
N ARG C 175 -8.15 -10.14 6.21
CA ARG C 175 -8.46 -11.16 7.22
C ARG C 175 -9.64 -10.77 8.09
N GLU C 176 -9.92 -9.49 8.23
CA GLU C 176 -11.07 -9.07 9.04
C GLU C 176 -12.34 -9.64 8.46
N ARG C 177 -12.37 -9.84 7.16
CA ARG C 177 -13.54 -10.37 6.47
C ARG C 177 -13.36 -11.86 6.12
N ASP C 178 -12.42 -12.54 6.77
CA ASP C 178 -12.19 -13.95 6.48
C ASP C 178 -13.49 -14.77 6.58
N VAL C 179 -13.88 -15.42 5.48
CA VAL C 179 -15.12 -16.20 5.50
C VAL C 179 -15.03 -17.40 6.43
N GLY C 180 -13.84 -17.97 6.56
CA GLY C 180 -13.64 -19.09 7.46
C GLY C 180 -13.96 -18.63 8.87
N LYS C 181 -13.43 -17.48 9.27
CA LYS C 181 -13.69 -16.97 10.62
C LYS C 181 -15.15 -16.56 10.81
N GLU C 182 -15.82 -16.04 9.77
CA GLU C 182 -17.23 -15.66 9.90
C GLU C 182 -18.02 -16.97 10.10
N LEU C 183 -17.57 -18.03 9.44
CA LEU C 183 -18.24 -19.30 9.59
C LEU C 183 -18.13 -19.78 11.05
N LEU C 184 -16.95 -19.64 11.63
CA LEU C 184 -16.76 -20.08 13.02
C LEU C 184 -17.67 -19.29 13.92
N ALA C 185 -17.84 -18.00 13.61
CA ALA C 185 -18.69 -17.13 14.39
C ALA C 185 -20.14 -17.60 14.36
N ALA C 186 -20.68 -17.76 13.16
CA ALA C 186 -22.06 -18.18 12.99
C ALA C 186 -22.29 -19.55 13.62
N LEU C 187 -21.38 -20.48 13.33
CA LEU C 187 -21.50 -21.84 13.87
C LEU C 187 -21.45 -21.84 15.38
N MET C 188 -20.72 -20.90 15.97
CA MET C 188 -20.66 -20.83 17.42
C MET C 188 -22.04 -20.41 17.94
N ARG C 189 -22.65 -19.43 17.26
CA ARG C 189 -23.97 -18.94 17.65
C ARG C 189 -24.94 -20.11 17.62
N PHE C 190 -24.90 -20.85 16.51
CA PHE C 190 -25.75 -22.01 16.36
C PHE C 190 -25.50 -23.04 17.47
N SER C 191 -24.24 -23.41 17.66
CA SER C 191 -23.86 -24.41 18.65
C SER C 191 -24.26 -24.04 20.07
N MET C 192 -24.30 -22.75 20.35
CA MET C 192 -24.65 -22.29 21.68
C MET C 192 -26.08 -21.81 21.72
N GLY C 193 -26.80 -21.99 20.62
CA GLY C 193 -28.19 -21.56 20.59
C GLY C 193 -28.37 -20.08 20.88
N LEU C 194 -27.34 -19.29 20.64
CA LEU C 194 -27.44 -17.86 20.88
C LEU C 194 -28.14 -17.21 19.68
N LYS C 195 -29.31 -16.65 19.95
CA LYS C 195 -30.06 -16.00 18.89
C LYS C 195 -29.90 -14.50 19.01
N LEU C 196 -29.05 -13.93 18.15
CA LEU C 196 -28.83 -12.50 18.17
C LEU C 196 -29.73 -11.81 17.16
N SER C 197 -30.18 -10.61 17.52
CA SER C 197 -31.03 -9.81 16.65
C SER C 197 -30.09 -9.03 15.76
N PRO C 198 -30.55 -8.66 14.55
CA PRO C 198 -29.69 -7.90 13.63
C PRO C 198 -29.14 -6.66 14.30
N SER C 199 -29.85 -6.18 15.31
CA SER C 199 -29.40 -5.00 16.02
C SER C 199 -28.13 -5.34 16.80
N GLU C 200 -28.14 -6.49 17.47
CA GLU C 200 -26.97 -6.93 18.24
C GLU C 200 -25.88 -7.35 17.25
N LEU C 201 -26.29 -8.09 16.21
CA LEU C 201 -25.36 -8.55 15.19
C LEU C 201 -24.88 -7.40 14.33
N GLN C 202 -24.92 -6.20 14.91
CA GLN C 202 -24.49 -4.99 14.23
C GLN C 202 -23.64 -4.27 15.26
N ARG C 203 -23.95 -4.53 16.54
CA ARG C 203 -23.24 -3.93 17.66
C ARG C 203 -21.87 -4.57 17.89
N VAL C 204 -21.63 -5.71 17.25
CA VAL C 204 -20.36 -6.42 17.44
C VAL C 204 -19.48 -6.48 16.20
N ARG C 205 -19.84 -5.76 15.14
CA ARG C 205 -19.05 -5.75 13.92
C ARG C 205 -17.56 -5.55 14.22
N GLU C 206 -17.26 -4.65 15.16
CA GLU C 206 -15.88 -4.36 15.53
C GLU C 206 -15.22 -5.49 16.30
N ILE C 207 -15.95 -6.05 17.26
CA ILE C 207 -15.41 -7.15 18.04
C ILE C 207 -15.09 -8.35 17.13
N ASP C 208 -15.94 -8.57 16.12
CA ASP C 208 -15.79 -9.65 15.14
C ASP C 208 -14.60 -9.49 14.20
N ALA C 209 -14.39 -8.28 13.71
CA ALA C 209 -13.27 -8.00 12.80
C ALA C 209 -11.96 -8.16 13.56
N ASN C 210 -11.98 -7.71 14.80
CA ASN C 210 -10.81 -7.77 15.66
C ASN C 210 -10.51 -9.24 16.02
N CYS C 211 -11.56 -10.03 16.20
CA CYS C 211 -11.39 -11.43 16.54
C CYS C 211 -10.86 -12.19 15.35
N SER C 212 -11.47 -11.96 14.20
CA SER C 212 -11.09 -12.62 12.96
C SER C 212 -9.62 -12.35 12.64
N LYS C 213 -9.19 -11.13 12.87
CA LYS C 213 -7.82 -10.74 12.62
C LYS C 213 -6.90 -11.50 13.58
N HIS C 214 -7.31 -11.58 14.85
CA HIS C 214 -6.54 -12.27 15.86
C HIS C 214 -6.38 -13.76 15.53
N LEU C 215 -7.47 -14.41 15.11
CA LEU C 215 -7.42 -15.81 14.76
C LEU C 215 -6.47 -16.05 13.60
N SER C 216 -6.57 -15.18 12.59
CA SER C 216 -5.76 -15.27 11.38
C SER C 216 -4.28 -15.09 11.60
N VAL C 217 -3.91 -14.06 12.38
CA VAL C 217 -2.50 -13.81 12.62
C VAL C 217 -1.89 -14.91 13.49
N VAL C 218 -2.65 -15.43 14.45
CA VAL C 218 -2.11 -16.50 15.28
C VAL C 218 -1.83 -17.71 14.38
N ASN C 219 -2.73 -17.99 13.43
CA ASN C 219 -2.53 -19.12 12.52
C ASN C 219 -1.26 -18.80 11.72
N ASP C 220 -1.16 -17.57 11.21
CA ASP C 220 0.02 -17.16 10.43
C ASP C 220 1.31 -17.37 11.18
N ILE C 221 1.31 -16.98 12.46
CA ILE C 221 2.50 -17.14 13.28
C ILE C 221 2.95 -18.59 13.35
N TYR C 222 2.01 -19.51 13.55
CA TYR C 222 2.37 -20.91 13.66
C TYR C 222 2.48 -21.71 12.35
N SER C 223 1.86 -21.24 11.28
CA SER C 223 1.90 -21.98 10.03
C SER C 223 2.99 -21.49 9.09
N TYR C 224 3.63 -20.38 9.43
CA TYR C 224 4.66 -19.82 8.59
C TYR C 224 5.72 -20.82 8.14
N GLU C 225 6.30 -21.57 9.06
CA GLU C 225 7.34 -22.51 8.68
C GLU C 225 6.84 -23.50 7.64
N LYS C 226 5.80 -24.26 7.97
CA LYS C 226 5.26 -25.21 6.99
C LYS C 226 4.97 -24.51 5.67
N GLU C 227 4.19 -23.42 5.71
CA GLU C 227 3.83 -22.67 4.53
C GLU C 227 5.03 -22.28 3.66
N LEU C 228 6.16 -21.99 4.28
CA LEU C 228 7.33 -21.59 3.52
C LEU C 228 7.83 -22.72 2.61
N TYR C 229 7.21 -23.90 2.71
CA TYR C 229 7.59 -25.06 1.89
C TYR C 229 7.21 -24.86 0.43
N THR C 230 7.17 -23.60 0.01
CA THR C 230 6.83 -23.25 -1.36
C THR C 230 8.12 -22.97 -2.12
N ILE C 240 2.80 -15.86 -3.86
CA ILE C 240 2.97 -17.23 -3.35
C ILE C 240 2.34 -17.41 -1.98
N LEU C 241 3.07 -16.97 -0.96
CA LEU C 241 2.60 -17.10 0.41
C LEU C 241 1.37 -16.26 0.76
N CYS C 242 1.63 -15.01 1.15
CA CYS C 242 0.61 -14.05 1.60
C CYS C 242 0.27 -14.31 3.07
N THR C 243 1.19 -13.91 3.95
CA THR C 243 1.01 -14.08 5.38
C THR C 243 1.52 -12.82 6.12
N SER C 244 0.89 -12.50 7.24
CA SER C 244 1.30 -11.33 8.02
C SER C 244 2.77 -11.45 8.43
N VAL C 245 3.23 -12.68 8.70
CA VAL C 245 4.60 -12.89 9.10
C VAL C 245 5.56 -12.38 8.02
N GLN C 246 5.39 -12.84 6.78
CA GLN C 246 6.27 -12.41 5.70
C GLN C 246 6.08 -10.93 5.39
N ILE C 247 4.84 -10.49 5.40
CA ILE C 247 4.54 -9.10 5.12
C ILE C 247 5.18 -8.17 6.13
N LEU C 248 5.13 -8.49 7.41
CA LEU C 248 5.74 -7.57 8.41
C LEU C 248 7.27 -7.60 8.41
N ALA C 249 7.83 -8.77 8.12
CA ALA C 249 9.29 -8.93 8.07
C ALA C 249 9.88 -8.07 6.95
N GLN C 250 9.19 -8.01 5.81
CA GLN C 250 9.67 -7.20 4.69
C GLN C 250 9.43 -5.72 4.93
N GLU C 251 8.29 -5.36 5.51
CA GLU C 251 8.03 -3.94 5.74
C GLU C 251 8.99 -3.42 6.81
N ALA C 252 9.29 -4.23 7.81
CA ALA C 252 10.18 -3.76 8.86
C ALA C 252 11.62 -4.19 8.65
N ASP C 253 11.84 -5.05 7.66
CA ASP C 253 13.16 -5.58 7.35
C ASP C 253 13.82 -6.29 8.54
N VAL C 254 13.09 -7.25 9.09
CA VAL C 254 13.51 -8.08 10.19
C VAL C 254 13.23 -9.54 9.76
N THR C 255 13.79 -10.49 10.49
CA THR C 255 13.58 -11.88 10.18
C THR C 255 12.13 -12.25 10.47
N ALA C 256 11.71 -13.40 9.95
CA ALA C 256 10.37 -13.90 10.14
C ALA C 256 10.13 -14.17 11.63
N GLU C 257 11.15 -14.66 12.32
CA GLU C 257 11.06 -14.95 13.74
C GLU C 257 10.80 -13.70 14.55
N ALA C 258 11.42 -12.60 14.15
CA ALA C 258 11.25 -11.33 14.84
C ALA C 258 9.85 -10.80 14.54
N ALA C 259 9.38 -11.01 13.31
CA ALA C 259 8.06 -10.58 12.88
C ALA C 259 7.00 -11.36 13.66
N LYS C 260 7.27 -12.62 13.98
CA LYS C 260 6.30 -13.39 14.75
C LYS C 260 6.12 -12.77 16.14
N ARG C 261 7.22 -12.43 16.80
CA ARG C 261 7.14 -11.80 18.12
C ARG C 261 6.33 -10.51 18.07
N VAL C 262 6.69 -9.61 17.17
CA VAL C 262 5.95 -8.34 17.08
C VAL C 262 4.46 -8.58 16.79
N LEU C 263 4.16 -9.54 15.92
CA LEU C 263 2.77 -9.86 15.59
C LEU C 263 2.08 -10.44 16.82
N PHE C 264 2.80 -11.25 17.59
CA PHE C 264 2.20 -11.82 18.77
C PHE C 264 1.78 -10.72 19.76
N VAL C 265 2.57 -9.66 19.85
CA VAL C 265 2.26 -8.56 20.77
C VAL C 265 1.06 -7.84 20.22
N MET C 266 1.04 -7.65 18.90
CA MET C 266 -0.07 -7.03 18.24
C MET C 266 -1.34 -7.82 18.60
N CYS C 267 -1.19 -9.13 18.68
CA CYS C 267 -2.34 -9.98 19.02
C CYS C 267 -2.83 -9.68 20.43
N ARG C 268 -1.89 -9.53 21.36
CA ARG C 268 -2.23 -9.23 22.75
C ARG C 268 -2.93 -7.87 22.77
N GLU C 269 -2.60 -7.01 21.82
CA GLU C 269 -3.25 -5.71 21.77
C GLU C 269 -4.67 -5.88 21.26
N TRP C 270 -4.91 -6.87 20.39
CA TRP C 270 -6.26 -7.05 19.90
C TRP C 270 -7.08 -7.70 21.03
N GLU C 271 -6.42 -8.48 21.86
CA GLU C 271 -7.10 -9.12 22.98
C GLU C 271 -7.59 -7.97 23.88
N LEU C 272 -6.69 -7.03 24.16
CA LEU C 272 -6.98 -5.87 24.99
C LEU C 272 -8.13 -5.07 24.37
N ARG C 273 -8.06 -4.84 23.07
CA ARG C 273 -9.12 -4.11 22.42
C ARG C 273 -10.44 -4.86 22.54
N HIS C 274 -10.39 -6.19 22.57
CA HIS C 274 -11.60 -7.01 22.71
C HIS C 274 -12.28 -6.64 24.02
N GLN C 275 -11.50 -6.67 25.09
CA GLN C 275 -12.00 -6.35 26.40
C GLN C 275 -12.54 -4.93 26.46
N LEU C 276 -11.95 -4.02 25.69
CA LEU C 276 -12.41 -2.64 25.67
C LEU C 276 -13.72 -2.52 24.92
N LEU C 277 -13.80 -3.13 23.75
CA LEU C 277 -15.02 -3.08 22.98
C LEU C 277 -16.16 -3.73 23.74
N VAL C 278 -15.80 -4.57 24.71
CA VAL C 278 -16.83 -5.23 25.50
C VAL C 278 -17.26 -4.28 26.60
N ALA C 279 -16.32 -3.91 27.46
CA ALA C 279 -16.58 -3.00 28.57
C ALA C 279 -17.37 -1.80 28.04
N ARG C 280 -17.06 -1.39 26.82
CA ARG C 280 -17.76 -0.28 26.20
C ARG C 280 -19.21 -0.66 25.92
N LEU C 281 -19.42 -1.74 25.17
CA LEU C 281 -20.78 -2.17 24.85
C LEU C 281 -21.70 -2.15 26.07
N SER C 282 -21.25 -2.74 27.18
CA SER C 282 -22.05 -2.76 28.39
C SER C 282 -22.35 -1.33 28.81
N ALA C 283 -21.29 -0.56 29.06
CA ALA C 283 -21.43 0.84 29.44
C ALA C 283 -22.38 1.54 28.48
N GLU C 284 -22.39 1.09 27.22
CA GLU C 284 -23.25 1.67 26.19
C GLU C 284 -24.71 1.29 26.44
N GLY C 285 -25.47 1.20 25.34
CA GLY C 285 -26.86 0.83 25.44
C GLY C 285 -27.04 -0.61 25.88
N LEU C 286 -26.36 -0.97 26.97
CA LEU C 286 -26.41 -2.31 27.54
C LEU C 286 -25.91 -3.39 26.59
N GLU C 287 -25.28 -4.41 27.17
CA GLU C 287 -24.77 -5.53 26.40
C GLU C 287 -25.96 -6.29 25.84
N THR C 288 -26.43 -7.25 26.65
CA THR C 288 -27.54 -8.15 26.33
C THR C 288 -27.08 -9.48 26.91
N PRO C 289 -28.02 -10.36 27.32
CA PRO C 289 -27.57 -11.64 27.86
C PRO C 289 -26.93 -12.47 26.74
N GLY C 290 -27.44 -12.31 25.53
CA GLY C 290 -26.92 -13.04 24.39
C GLY C 290 -25.54 -12.55 24.01
N LEU C 291 -25.38 -11.23 23.90
CA LEU C 291 -24.11 -10.61 23.54
C LEU C 291 -23.05 -10.90 24.57
N ALA C 292 -23.46 -10.96 25.83
CA ALA C 292 -22.52 -11.25 26.88
C ALA C 292 -22.00 -12.65 26.62
N ALA C 293 -22.90 -13.55 26.24
CA ALA C 293 -22.52 -14.93 25.95
C ALA C 293 -21.63 -15.01 24.70
N TYR C 294 -22.11 -14.44 23.59
CA TYR C 294 -21.39 -14.44 22.32
C TYR C 294 -19.95 -13.94 22.45
N VAL C 295 -19.83 -12.73 22.99
CA VAL C 295 -18.56 -12.08 23.19
C VAL C 295 -17.61 -12.95 24.01
N GLU C 296 -18.12 -13.61 25.05
CA GLU C 296 -17.25 -14.47 25.84
C GLU C 296 -16.84 -15.61 24.92
N GLY C 297 -17.74 -15.99 24.01
CA GLY C 297 -17.47 -17.07 23.08
C GLY C 297 -16.32 -16.80 22.12
N LEU C 298 -16.29 -15.58 21.58
CA LEU C 298 -15.22 -15.19 20.66
C LEU C 298 -13.88 -15.27 21.38
N GLU C 299 -13.88 -14.96 22.67
CA GLU C 299 -12.66 -15.00 23.45
C GLU C 299 -12.13 -16.42 23.48
N TYR C 300 -13.03 -17.39 23.64
CA TYR C 300 -12.61 -18.78 23.70
C TYR C 300 -12.08 -19.20 22.34
N GLN C 301 -12.67 -18.67 21.27
CA GLN C 301 -12.19 -18.99 19.93
C GLN C 301 -10.74 -18.50 19.77
N MET C 302 -10.47 -17.28 20.22
CA MET C 302 -9.12 -16.71 20.10
C MET C 302 -8.11 -17.49 20.92
N SER C 303 -8.43 -17.76 22.18
CA SER C 303 -7.51 -18.47 23.04
C SER C 303 -7.45 -19.92 22.58
N GLY C 304 -8.61 -20.47 22.22
CA GLY C 304 -8.64 -21.86 21.79
C GLY C 304 -7.81 -22.03 20.53
N ASN C 305 -7.99 -21.08 19.62
CA ASN C 305 -7.29 -21.09 18.36
C ASN C 305 -5.79 -21.05 18.61
N GLU C 306 -5.36 -20.30 19.63
CA GLU C 306 -3.95 -20.18 19.96
C GLU C 306 -3.39 -21.50 20.44
N LEU C 307 -4.06 -22.13 21.41
CA LEU C 307 -3.57 -23.40 21.91
C LEU C 307 -3.54 -24.45 20.79
N TRP C 308 -4.54 -24.42 19.92
CA TRP C 308 -4.61 -25.36 18.83
C TRP C 308 -3.44 -25.12 17.88
N SER C 309 -3.20 -23.86 17.55
CA SER C 309 -2.12 -23.51 16.63
C SER C 309 -0.78 -23.99 17.12
N GLN C 310 -0.57 -23.91 18.43
CA GLN C 310 0.69 -24.29 19.04
C GLN C 310 0.92 -25.78 19.13
N THR C 311 -0.16 -26.55 19.00
CA THR C 311 -0.04 -27.99 19.12
C THR C 311 -0.46 -28.84 17.92
N THR C 312 -1.10 -28.26 16.91
CA THR C 312 -1.51 -29.09 15.78
C THR C 312 -0.35 -29.58 14.90
N LEU C 313 -0.46 -30.82 14.43
CA LEU C 313 0.57 -31.39 13.56
C LEU C 313 0.34 -30.76 12.19
N ARG C 314 -0.85 -30.19 12.02
CA ARG C 314 -1.22 -29.55 10.77
C ARG C 314 -0.17 -28.52 10.34
N TYR C 315 0.64 -28.03 11.29
CA TYR C 315 1.67 -27.06 10.97
C TYR C 315 3.07 -27.64 11.12
N SER C 316 3.17 -28.96 11.07
CA SER C 316 4.45 -29.65 11.21
C SER C 316 5.17 -29.78 9.87
N VAL C 317 6.50 -29.73 9.93
CA VAL C 317 7.29 -29.88 8.72
C VAL C 317 7.80 -31.32 8.69
N SER D 13 -1.82 -2.54 -30.73
CA SER D 13 -2.65 -2.36 -29.49
C SER D 13 -2.00 -1.32 -28.57
N LEU D 14 -0.87 -0.79 -29.01
CA LEU D 14 -0.13 0.23 -28.27
C LEU D 14 0.22 1.43 -29.15
N GLU D 15 -0.79 2.22 -29.49
CA GLU D 15 -0.59 3.42 -30.28
C GLU D 15 -0.30 4.46 -29.23
N PRO D 16 0.91 5.04 -29.27
CA PRO D 16 1.28 6.06 -28.30
C PRO D 16 0.31 7.21 -28.36
N PRO D 17 -0.20 7.66 -27.21
CA PRO D 17 -1.12 8.78 -27.33
C PRO D 17 -0.30 9.96 -27.83
N PRO D 18 -0.95 11.00 -28.38
CA PRO D 18 -0.21 12.16 -28.88
C PRO D 18 0.66 12.88 -27.86
N SER D 19 1.78 13.41 -28.32
CA SER D 19 2.70 14.15 -27.47
C SER D 19 3.17 15.41 -28.19
N THR D 20 3.51 16.44 -27.44
CA THR D 20 4.01 17.67 -28.03
C THR D 20 5.54 17.62 -28.06
N PHE D 21 6.13 16.61 -27.40
CA PHE D 21 7.58 16.44 -27.35
C PHE D 21 8.10 15.80 -28.63
N GLN D 22 9.05 16.45 -29.29
CA GLN D 22 9.63 15.86 -30.51
C GLN D 22 11.08 15.56 -30.18
N PRO D 23 11.48 14.29 -30.27
CA PRO D 23 12.87 13.95 -29.95
C PRO D 23 13.86 14.45 -31.02
N LEU D 24 15.14 14.51 -30.65
CA LEU D 24 16.19 14.95 -31.54
C LEU D 24 17.29 13.89 -31.47
N CYS D 25 18.11 13.83 -32.50
CA CYS D 25 19.20 12.88 -32.53
C CYS D 25 20.54 13.58 -32.81
N HIS D 26 21.58 13.20 -32.07
CA HIS D 26 22.89 13.78 -32.24
C HIS D 26 23.43 13.44 -33.63
N PRO D 27 23.78 14.48 -34.40
CA PRO D 27 24.31 14.41 -35.76
C PRO D 27 25.46 13.44 -35.98
N LEU D 28 26.24 13.19 -34.94
CA LEU D 28 27.39 12.28 -35.06
C LEU D 28 27.05 10.87 -34.62
N VAL D 29 25.76 10.59 -34.44
CA VAL D 29 25.35 9.26 -34.01
C VAL D 29 26.03 8.14 -34.80
N GLU D 30 26.09 8.32 -36.12
CA GLU D 30 26.69 7.32 -37.00
C GLU D 30 28.11 7.02 -36.54
N GLU D 31 28.96 8.04 -36.56
CA GLU D 31 30.34 7.90 -36.16
C GLU D 31 30.48 7.29 -34.75
N VAL D 32 29.92 7.96 -33.75
CA VAL D 32 30.02 7.48 -32.39
C VAL D 32 29.57 6.03 -32.22
N SER D 33 28.42 5.68 -32.79
CA SER D 33 27.94 4.31 -32.67
C SER D 33 28.92 3.32 -33.30
N LYS D 34 29.77 3.83 -34.19
CA LYS D 34 30.78 3.00 -34.86
C LYS D 34 31.89 2.62 -33.87
N GLU D 35 32.59 3.62 -33.34
CA GLU D 35 33.66 3.36 -32.38
C GLU D 35 33.10 2.59 -31.19
N VAL D 36 32.19 3.23 -30.46
CA VAL D 36 31.55 2.57 -29.32
C VAL D 36 30.76 1.48 -30.02
N ASP D 37 30.86 0.24 -29.52
CA ASP D 37 30.21 -0.93 -30.11
C ASP D 37 31.38 -1.78 -30.63
N GLY D 38 32.23 -1.15 -31.45
CA GLY D 38 33.41 -1.83 -31.95
C GLY D 38 34.23 -2.10 -30.70
N TYR D 39 34.38 -1.05 -29.90
CA TYR D 39 35.12 -1.14 -28.64
C TYR D 39 34.62 -2.33 -27.84
N PHE D 40 33.34 -2.30 -27.47
CA PHE D 40 32.79 -3.41 -26.67
C PHE D 40 32.93 -4.79 -27.33
N LEU D 41 32.62 -4.88 -28.62
CA LEU D 41 32.75 -6.16 -29.33
C LEU D 41 34.22 -6.62 -29.25
N GLN D 42 35.11 -5.65 -29.11
CA GLN D 42 36.54 -5.90 -29.02
C GLN D 42 36.99 -6.32 -27.62
N HIS D 43 36.51 -5.64 -26.60
CA HIS D 43 36.93 -5.94 -25.24
C HIS D 43 35.94 -6.68 -24.35
N TRP D 44 34.65 -6.50 -24.59
CA TRP D 44 33.67 -7.18 -23.76
C TRP D 44 33.52 -8.65 -24.14
N ASN D 45 33.67 -9.54 -23.15
CA ASN D 45 33.55 -10.97 -23.41
C ASN D 45 32.12 -11.35 -23.77
N PHE D 46 31.96 -11.84 -25.00
CA PHE D 46 30.66 -12.25 -25.52
C PHE D 46 30.45 -13.74 -25.30
N PRO D 47 29.22 -14.16 -24.97
CA PRO D 47 28.99 -15.60 -24.78
C PRO D 47 29.16 -16.33 -26.11
N ASN D 48 28.68 -15.71 -27.19
CA ASN D 48 28.76 -16.28 -28.52
C ASN D 48 28.37 -15.23 -29.57
N GLU D 49 28.48 -15.58 -30.85
CA GLU D 49 28.14 -14.67 -31.94
C GLU D 49 26.70 -14.17 -31.82
N LYS D 50 25.82 -15.05 -31.34
CA LYS D 50 24.41 -14.73 -31.16
C LYS D 50 24.24 -13.56 -30.17
N ALA D 51 25.17 -13.45 -29.23
CA ALA D 51 25.11 -12.39 -28.23
C ALA D 51 25.67 -11.08 -28.77
N ARG D 52 26.85 -11.12 -29.39
CA ARG D 52 27.43 -9.89 -29.93
C ARG D 52 26.52 -9.26 -30.98
N LYS D 53 25.80 -10.10 -31.72
CA LYS D 53 24.89 -9.59 -32.73
C LYS D 53 23.73 -8.88 -32.05
N LYS D 54 23.09 -9.54 -31.08
CA LYS D 54 21.99 -8.90 -30.38
C LYS D 54 22.49 -7.60 -29.73
N PHE D 55 23.75 -7.60 -29.33
CA PHE D 55 24.35 -6.41 -28.72
C PHE D 55 24.23 -5.25 -29.71
N VAL D 56 24.72 -5.47 -30.93
CA VAL D 56 24.67 -4.44 -31.96
C VAL D 56 23.22 -4.04 -32.25
N ALA D 57 22.30 -5.00 -32.11
CA ALA D 57 20.90 -4.77 -32.39
C ALA D 57 20.24 -3.76 -31.43
N ALA D 58 20.53 -3.88 -30.14
CA ALA D 58 19.97 -2.98 -29.14
C ALA D 58 20.18 -1.50 -29.49
N GLY D 59 21.32 -1.20 -30.11
CA GLY D 59 21.63 0.17 -30.49
C GLY D 59 21.80 1.08 -29.28
N PHE D 60 22.75 0.74 -28.42
CA PHE D 60 22.97 1.53 -27.21
C PHE D 60 23.48 2.95 -27.42
N SER D 61 24.37 3.15 -28.40
CA SER D 61 24.87 4.50 -28.68
C SER D 61 23.78 5.39 -29.34
N ARG D 62 22.86 4.77 -30.07
CA ARG D 62 21.82 5.58 -30.68
C ARG D 62 20.86 6.07 -29.61
N VAL D 63 20.77 5.34 -28.50
CA VAL D 63 19.91 5.74 -27.39
C VAL D 63 20.56 6.96 -26.77
N THR D 64 21.87 6.90 -26.65
CA THR D 64 22.65 7.96 -26.03
C THR D 64 22.52 9.23 -26.84
N CYS D 65 22.64 9.09 -28.16
CA CYS D 65 22.53 10.24 -29.02
C CYS D 65 21.09 10.72 -29.04
N LEU D 66 20.15 9.80 -28.77
CA LEU D 66 18.75 10.20 -28.74
C LEU D 66 18.48 10.97 -27.45
N TYR D 67 19.08 10.49 -26.36
CA TYR D 67 18.94 11.07 -25.03
C TYR D 67 19.62 12.41 -24.88
N PHE D 68 20.79 12.55 -25.50
CA PHE D 68 21.60 13.77 -25.42
C PHE D 68 21.94 14.35 -26.80
N PRO D 69 20.92 14.64 -27.62
CA PRO D 69 21.11 15.19 -28.97
C PRO D 69 21.85 16.52 -29.03
N LYS D 70 21.80 17.30 -27.95
CA LYS D 70 22.49 18.57 -27.90
C LYS D 70 23.84 18.46 -27.17
N ALA D 71 24.34 17.24 -27.01
CA ALA D 71 25.62 17.08 -26.33
C ALA D 71 26.74 17.66 -27.19
N LEU D 72 27.82 18.08 -26.55
CA LEU D 72 28.97 18.63 -27.25
C LEU D 72 29.58 17.52 -28.11
N ASP D 73 30.06 17.90 -29.28
CA ASP D 73 30.62 16.95 -30.23
C ASP D 73 31.74 16.02 -29.76
N ASP D 74 32.54 16.45 -28.80
CA ASP D 74 33.64 15.61 -28.31
C ASP D 74 33.37 14.94 -26.96
N ARG D 75 32.11 14.93 -26.55
CA ARG D 75 31.75 14.34 -25.26
C ARG D 75 30.64 13.32 -25.39
N ILE D 76 30.02 13.24 -26.57
CA ILE D 76 28.94 12.29 -26.76
C ILE D 76 29.38 10.82 -26.70
N HIS D 77 30.64 10.53 -27.03
CA HIS D 77 31.09 9.14 -26.97
C HIS D 77 31.20 8.64 -25.51
N PHE D 78 31.64 9.53 -24.62
CA PHE D 78 31.75 9.20 -23.20
C PHE D 78 30.41 8.66 -22.70
N ALA D 79 29.34 9.32 -23.12
CA ALA D 79 28.00 8.96 -22.72
C ALA D 79 27.55 7.62 -23.30
N CYS D 80 27.90 7.37 -24.56
CA CYS D 80 27.52 6.10 -25.19
C CYS D 80 28.24 4.93 -24.51
N ARG D 81 29.45 5.17 -24.02
CA ARG D 81 30.21 4.11 -23.38
C ARG D 81 29.66 3.75 -21.99
N LEU D 82 29.32 4.77 -21.22
CA LEU D 82 28.80 4.54 -19.89
C LEU D 82 27.43 3.86 -19.91
N LEU D 83 26.55 4.33 -20.78
CA LEU D 83 25.22 3.73 -20.84
C LEU D 83 25.33 2.32 -21.36
N THR D 84 26.18 2.11 -22.35
CA THR D 84 26.35 0.78 -22.94
C THR D 84 26.77 -0.22 -21.86
N VAL D 85 27.86 0.10 -21.17
CA VAL D 85 28.37 -0.79 -20.15
C VAL D 85 27.33 -0.99 -19.04
N LEU D 86 26.58 0.05 -18.69
CA LEU D 86 25.54 -0.10 -17.66
C LEU D 86 24.42 -1.04 -18.15
N PHE D 87 24.07 -0.95 -19.43
CA PHE D 87 23.05 -1.83 -20.00
C PHE D 87 23.57 -3.28 -19.91
N LEU D 88 24.81 -3.49 -20.36
CA LEU D 88 25.43 -4.82 -20.34
C LEU D 88 25.41 -5.43 -18.96
N ILE D 89 25.70 -4.61 -17.95
CA ILE D 89 25.72 -5.07 -16.58
C ILE D 89 24.29 -5.29 -16.11
N ASP D 90 23.42 -4.38 -16.55
CA ASP D 90 22.02 -4.45 -16.18
C ASP D 90 21.46 -5.83 -16.46
N ASP D 91 21.80 -6.41 -17.61
CA ASP D 91 21.32 -7.74 -17.96
C ASP D 91 22.01 -8.84 -17.16
N LEU D 92 23.32 -8.71 -16.97
CA LEU D 92 24.10 -9.68 -16.21
C LEU D 92 23.49 -9.92 -14.82
N LEU D 93 23.16 -8.83 -14.13
CA LEU D 93 22.57 -8.91 -12.80
C LEU D 93 21.28 -9.73 -12.74
N GLU D 94 20.57 -9.83 -13.87
CA GLU D 94 19.32 -10.57 -13.89
C GLU D 94 19.47 -12.07 -13.59
N TYR D 95 20.68 -12.61 -13.75
CA TYR D 95 20.93 -14.02 -13.49
C TYR D 95 21.60 -14.24 -12.14
N MET D 96 21.70 -13.16 -11.38
CA MET D 96 22.33 -13.17 -10.07
C MET D 96 21.32 -12.91 -8.96
N SER D 97 21.72 -13.28 -7.74
CA SER D 97 20.90 -13.06 -6.56
C SER D 97 21.16 -11.60 -6.17
N PHE D 98 20.34 -11.04 -5.30
CA PHE D 98 20.55 -9.67 -4.88
C PHE D 98 21.92 -9.59 -4.22
N GLU D 99 22.32 -10.67 -3.57
CA GLU D 99 23.61 -10.71 -2.91
C GLU D 99 24.78 -10.75 -3.88
N GLU D 100 24.68 -11.60 -4.90
CA GLU D 100 25.74 -11.70 -5.91
C GLU D 100 25.79 -10.37 -6.68
N GLY D 101 24.65 -9.98 -7.26
CA GLY D 101 24.56 -8.73 -8.00
C GLY D 101 25.14 -7.55 -7.25
N SER D 102 24.87 -7.48 -5.95
CA SER D 102 25.40 -6.41 -5.11
C SER D 102 26.94 -6.43 -5.07
N ALA D 103 27.52 -7.63 -4.85
CA ALA D 103 28.97 -7.80 -4.79
C ALA D 103 29.62 -7.42 -6.14
N TYR D 104 29.02 -7.88 -7.23
CA TYR D 104 29.52 -7.55 -8.56
C TYR D 104 29.56 -6.03 -8.68
N ASN D 105 28.43 -5.39 -8.40
CA ASN D 105 28.35 -3.93 -8.49
C ASN D 105 29.28 -3.22 -7.52
N GLU D 106 29.39 -3.71 -6.28
CA GLU D 106 30.23 -3.05 -5.31
C GLU D 106 31.72 -3.02 -5.65
N LYS D 107 32.22 -4.04 -6.35
CA LYS D 107 33.63 -4.05 -6.70
C LYS D 107 33.89 -3.01 -7.79
N LEU D 108 32.88 -2.73 -8.60
CA LEU D 108 33.03 -1.76 -9.68
C LEU D 108 33.01 -0.31 -9.16
N ILE D 109 32.38 -0.10 -8.00
CA ILE D 109 32.29 1.25 -7.45
C ILE D 109 33.67 1.84 -7.14
N PRO D 110 34.53 1.08 -6.44
CA PRO D 110 35.86 1.64 -6.15
C PRO D 110 36.64 1.88 -7.45
N ILE D 111 36.41 1.01 -8.43
CA ILE D 111 37.08 1.10 -9.72
C ILE D 111 36.62 2.35 -10.48
N SER D 112 35.34 2.69 -10.31
CA SER D 112 34.76 3.88 -10.97
C SER D 112 35.38 5.16 -10.44
N ARG D 113 35.61 5.20 -9.13
CA ARG D 113 36.21 6.39 -8.52
C ARG D 113 37.69 6.41 -8.85
N GLY D 114 38.18 5.28 -9.32
CA GLY D 114 39.58 5.17 -9.67
C GLY D 114 40.44 4.88 -8.45
N ASP D 115 39.87 4.25 -7.43
CA ASP D 115 40.60 3.94 -6.20
C ASP D 115 41.13 2.51 -6.19
N VAL D 116 40.78 1.75 -7.22
CA VAL D 116 41.23 0.37 -7.34
C VAL D 116 41.46 0.07 -8.80
N LEU D 117 42.71 -0.26 -9.15
CA LEU D 117 43.04 -0.59 -10.51
C LEU D 117 42.28 -1.85 -10.87
N PRO D 118 41.89 -2.00 -12.15
CA PRO D 118 41.14 -3.17 -12.62
C PRO D 118 41.98 -4.37 -13.03
N ASP D 119 41.43 -5.56 -12.77
CA ASP D 119 42.08 -6.79 -13.15
C ASP D 119 41.96 -6.78 -14.67
N ARG D 120 43.06 -6.41 -15.34
CA ARG D 120 43.09 -6.32 -16.79
C ARG D 120 42.59 -7.57 -17.52
N SER D 121 42.41 -8.65 -16.76
CA SER D 121 41.93 -9.93 -17.31
C SER D 121 40.40 -9.98 -17.24
N ILE D 122 39.79 -8.94 -16.71
CA ILE D 122 38.34 -8.87 -16.57
C ILE D 122 37.87 -7.57 -17.24
N PRO D 123 37.36 -7.68 -18.48
CA PRO D 123 36.88 -6.54 -19.26
C PRO D 123 36.00 -5.57 -18.49
N VAL D 124 34.95 -6.09 -17.85
CA VAL D 124 34.07 -5.20 -17.11
C VAL D 124 34.86 -4.32 -16.15
N GLU D 125 35.92 -4.86 -15.55
CA GLU D 125 36.69 -4.08 -14.61
C GLU D 125 37.55 -2.98 -15.23
N TYR D 126 38.29 -3.28 -16.30
CA TYR D 126 39.12 -2.22 -16.89
C TYR D 126 38.33 -1.31 -17.80
N ILE D 127 37.25 -1.84 -18.36
CA ILE D 127 36.41 -1.00 -19.22
C ILE D 127 35.90 0.13 -18.30
N ILE D 128 35.32 -0.26 -17.17
CA ILE D 128 34.79 0.69 -16.20
C ILE D 128 35.88 1.69 -15.80
N TYR D 129 37.07 1.18 -15.55
CA TYR D 129 38.19 1.99 -15.14
C TYR D 129 38.61 3.01 -16.19
N ASP D 130 38.94 2.54 -17.39
CA ASP D 130 39.36 3.43 -18.46
C ASP D 130 38.32 4.51 -18.73
N LEU D 131 37.07 4.08 -18.90
CA LEU D 131 35.98 5.01 -19.19
C LEU D 131 36.00 6.17 -18.19
N TRP D 132 35.86 5.87 -16.90
CA TRP D 132 35.84 6.94 -15.91
C TRP D 132 37.13 7.74 -15.88
N GLU D 133 38.24 7.12 -16.27
CA GLU D 133 39.52 7.82 -16.32
C GLU D 133 39.47 8.80 -17.49
N SER D 134 38.96 8.32 -18.62
CA SER D 134 38.84 9.15 -19.81
C SER D 134 38.03 10.40 -19.50
N MET D 135 36.88 10.19 -18.89
CA MET D 135 35.99 11.28 -18.54
C MET D 135 36.61 12.30 -17.57
N ARG D 136 37.27 11.82 -16.53
CA ARG D 136 37.91 12.75 -15.58
C ARG D 136 38.98 13.56 -16.31
N ALA D 137 39.70 12.88 -17.21
CA ALA D 137 40.75 13.51 -17.99
C ALA D 137 40.18 14.63 -18.84
N HIS D 138 38.95 14.45 -19.32
CA HIS D 138 38.33 15.47 -20.16
C HIS D 138 37.76 16.64 -19.35
N ASP D 139 37.09 16.33 -18.25
CA ASP D 139 36.49 17.34 -17.37
C ASP D 139 36.23 16.68 -16.02
N ARG D 140 37.14 16.91 -15.07
CA ARG D 140 37.03 16.29 -13.74
C ARG D 140 35.82 16.67 -12.90
N GLU D 141 35.56 17.97 -12.78
CA GLU D 141 34.45 18.47 -11.97
C GLU D 141 33.13 17.77 -12.33
N MET D 142 32.77 17.85 -13.59
CA MET D 142 31.53 17.27 -14.09
C MET D 142 31.57 15.75 -14.06
N ALA D 143 32.74 15.19 -14.35
CA ALA D 143 32.89 13.73 -14.33
C ALA D 143 32.51 13.25 -12.94
N ASP D 144 33.16 13.84 -11.95
CA ASP D 144 32.94 13.46 -10.56
C ASP D 144 31.49 13.64 -10.12
N GLU D 145 30.77 14.54 -10.78
CA GLU D 145 29.37 14.78 -10.44
C GLU D 145 28.47 13.60 -10.80
N ILE D 146 28.98 12.71 -11.63
CA ILE D 146 28.21 11.55 -12.06
C ILE D 146 28.39 10.34 -11.17
N LEU D 147 29.50 10.33 -10.43
CA LEU D 147 29.85 9.22 -9.55
C LEU D 147 28.81 8.71 -8.56
N GLU D 148 28.35 9.57 -7.66
CA GLU D 148 27.36 9.12 -6.68
C GLU D 148 26.00 8.81 -7.32
N PRO D 149 25.60 9.55 -8.37
CA PRO D 149 24.30 9.21 -8.94
C PRO D 149 24.36 7.81 -9.57
N VAL D 150 25.53 7.47 -10.11
CA VAL D 150 25.72 6.15 -10.70
C VAL D 150 25.72 5.11 -9.59
N PHE D 151 26.36 5.45 -8.47
CA PHE D 151 26.43 4.53 -7.35
C PHE D 151 25.05 4.36 -6.75
N LEU D 152 24.28 5.44 -6.78
CA LEU D 152 22.92 5.41 -6.28
C LEU D 152 22.18 4.37 -7.16
N PHE D 153 22.20 4.58 -8.47
CA PHE D 153 21.58 3.65 -9.42
C PHE D 153 21.97 2.19 -9.13
N MET D 154 23.27 1.90 -9.18
CA MET D 154 23.79 0.55 -8.94
C MET D 154 23.21 -0.14 -7.71
N ARG D 155 23.19 0.55 -6.56
CA ARG D 155 22.64 -0.05 -5.34
C ARG D 155 21.13 -0.23 -5.34
N ALA D 156 20.42 0.53 -6.17
CA ALA D 156 18.98 0.39 -6.27
C ALA D 156 18.67 -0.93 -7.00
N GLN D 157 19.48 -1.22 -8.03
CA GLN D 157 19.32 -2.41 -8.87
C GLN D 157 19.14 -3.74 -8.13
N THR D 158 19.81 -3.89 -6.99
CA THR D 158 19.73 -5.11 -6.22
C THR D 158 19.17 -4.91 -4.81
N ASP D 159 18.60 -3.72 -4.59
CA ASP D 159 18.01 -3.36 -3.31
C ASP D 159 16.91 -4.35 -2.89
N ARG D 160 16.82 -4.60 -1.59
CA ARG D 160 15.84 -5.50 -0.99
C ARG D 160 14.40 -5.04 -1.25
N THR D 161 14.21 -3.74 -1.43
CA THR D 161 12.89 -3.19 -1.71
C THR D 161 12.30 -3.91 -2.92
N ARG D 162 13.17 -4.41 -3.80
CA ARG D 162 12.79 -5.14 -5.01
C ARG D 162 11.73 -6.20 -4.78
N ALA D 163 11.64 -6.71 -3.56
CA ALA D 163 10.67 -7.76 -3.28
C ALA D 163 9.52 -7.36 -2.37
N ARG D 164 9.70 -6.34 -1.54
CA ARG D 164 8.62 -5.96 -0.63
C ARG D 164 7.42 -5.40 -1.38
N PRO D 165 6.21 -5.59 -0.81
CA PRO D 165 4.97 -5.11 -1.42
C PRO D 165 5.07 -3.67 -1.84
N MET D 166 4.70 -3.38 -3.08
CA MET D 166 4.78 -2.00 -3.52
C MET D 166 3.72 -1.59 -4.53
N GLY D 167 3.05 -0.49 -4.20
CA GLY D 167 2.02 0.03 -5.07
C GLY D 167 2.64 1.00 -6.06
N LEU D 168 1.81 1.64 -6.86
CA LEU D 168 2.29 2.58 -7.85
C LEU D 168 3.12 3.70 -7.22
N GLY D 169 2.55 4.32 -6.18
CA GLY D 169 3.24 5.41 -5.50
C GLY D 169 4.66 5.06 -5.06
N GLY D 170 4.78 3.98 -4.29
CA GLY D 170 6.11 3.59 -3.80
C GLY D 170 7.05 3.13 -4.91
N TYR D 171 6.49 2.51 -5.95
CA TYR D 171 7.29 2.05 -7.03
C TYR D 171 7.92 3.21 -7.78
N LEU D 172 7.11 4.20 -8.16
CA LEU D 172 7.67 5.33 -8.89
C LEU D 172 8.80 5.94 -8.06
N GLU D 173 8.62 5.93 -6.75
CA GLU D 173 9.63 6.48 -5.85
C GLU D 173 10.91 5.65 -5.91
N TYR D 174 10.79 4.32 -5.88
CA TYR D 174 12.00 3.51 -5.96
C TYR D 174 12.61 3.51 -7.38
N ARG D 175 11.76 3.57 -8.40
CA ARG D 175 12.23 3.55 -9.78
C ARG D 175 13.15 4.69 -10.17
N GLU D 176 12.92 5.87 -9.60
CA GLU D 176 13.77 7.00 -9.89
C GLU D 176 15.26 6.54 -9.84
N ARG D 177 15.62 5.85 -8.76
CA ARG D 177 16.99 5.36 -8.61
C ARG D 177 17.32 4.19 -9.55
N ASP D 178 16.44 3.17 -9.58
CA ASP D 178 16.67 2.01 -10.43
C ASP D 178 16.70 2.33 -11.91
N VAL D 179 16.02 3.41 -12.32
CA VAL D 179 16.02 3.79 -13.72
C VAL D 179 17.25 4.65 -13.98
N GLY D 180 17.83 5.18 -12.90
CA GLY D 180 19.03 5.99 -13.05
C GLY D 180 18.80 7.44 -13.44
N LYS D 181 17.66 7.99 -13.02
CA LYS D 181 17.33 9.37 -13.35
C LYS D 181 18.52 10.30 -13.16
N GLU D 182 19.02 10.32 -11.92
CA GLU D 182 20.14 11.17 -11.54
C GLU D 182 21.40 10.95 -12.41
N LEU D 183 21.74 9.70 -12.65
CA LEU D 183 22.90 9.39 -13.47
C LEU D 183 22.77 10.05 -14.86
N LEU D 184 21.59 9.88 -15.46
CA LEU D 184 21.33 10.43 -16.79
C LEU D 184 21.40 11.95 -16.77
N ALA D 185 20.84 12.56 -15.74
CA ALA D 185 20.86 14.00 -15.62
C ALA D 185 22.34 14.46 -15.59
N ALA D 186 23.12 13.93 -14.66
CA ALA D 186 24.53 14.33 -14.55
C ALA D 186 25.29 14.00 -15.84
N LEU D 187 24.95 12.88 -16.47
CA LEU D 187 25.61 12.50 -17.72
C LEU D 187 25.28 13.57 -18.76
N MET D 188 24.00 13.97 -18.81
CA MET D 188 23.59 14.99 -19.76
C MET D 188 24.33 16.28 -19.52
N ARG D 189 24.38 16.72 -18.26
CA ARG D 189 25.10 17.95 -17.95
C ARG D 189 26.59 17.82 -18.34
N PHE D 190 27.19 16.67 -18.05
CA PHE D 190 28.60 16.49 -18.40
C PHE D 190 28.74 16.61 -19.91
N SER D 191 27.99 15.80 -20.64
CA SER D 191 28.06 15.76 -22.09
C SER D 191 27.79 17.09 -22.78
N MET D 192 26.97 17.95 -22.18
CA MET D 192 26.65 19.24 -22.77
C MET D 192 27.53 20.35 -22.20
N GLY D 193 28.35 20.00 -21.21
CA GLY D 193 29.20 20.98 -20.57
C GLY D 193 28.32 22.04 -19.93
N LEU D 194 27.15 21.60 -19.46
CA LEU D 194 26.18 22.49 -18.83
C LEU D 194 26.32 22.45 -17.31
N LYS D 195 26.98 23.47 -16.75
CA LYS D 195 27.18 23.55 -15.31
C LYS D 195 26.08 24.34 -14.61
N LEU D 196 25.49 23.76 -13.57
CA LEU D 196 24.44 24.42 -12.82
C LEU D 196 24.88 24.61 -11.36
N SER D 197 24.35 25.64 -10.70
CA SER D 197 24.72 25.90 -9.31
C SER D 197 23.83 25.12 -8.32
N PRO D 198 24.39 24.76 -7.15
CA PRO D 198 23.69 24.01 -6.11
C PRO D 198 22.30 24.54 -5.77
N SER D 199 21.94 25.70 -6.33
CA SER D 199 20.64 26.31 -6.07
C SER D 199 19.79 26.23 -7.33
N GLU D 200 20.45 25.99 -8.46
CA GLU D 200 19.74 25.86 -9.71
C GLU D 200 19.21 24.44 -9.75
N LEU D 201 19.96 23.51 -9.18
CA LEU D 201 19.53 22.12 -9.15
C LEU D 201 18.34 21.99 -8.21
N GLN D 202 18.46 22.57 -7.02
CA GLN D 202 17.40 22.54 -6.04
C GLN D 202 16.10 23.06 -6.64
N ARG D 203 16.19 24.09 -7.47
CA ARG D 203 15.00 24.66 -8.08
C ARG D 203 14.30 23.73 -9.06
N VAL D 204 15.01 22.73 -9.55
CA VAL D 204 14.42 21.82 -10.52
C VAL D 204 14.20 20.39 -10.01
N ARG D 205 14.10 20.22 -8.69
CA ARG D 205 13.88 18.89 -8.15
C ARG D 205 12.51 18.33 -8.51
N GLU D 206 11.48 19.18 -8.56
CA GLU D 206 10.15 18.71 -8.95
C GLU D 206 10.18 18.35 -10.43
N ILE D 207 10.94 19.11 -11.21
CA ILE D 207 11.02 18.80 -12.62
C ILE D 207 11.74 17.48 -12.83
N ASP D 208 12.84 17.25 -12.09
CA ASP D 208 13.57 16.00 -12.22
C ASP D 208 12.72 14.79 -11.80
N ALA D 209 12.01 14.92 -10.67
CA ALA D 209 11.18 13.82 -10.16
C ALA D 209 10.08 13.47 -11.16
N ASN D 210 9.48 14.49 -11.77
CA ASN D 210 8.43 14.27 -12.75
C ASN D 210 9.00 13.53 -13.96
N CYS D 211 10.14 14.00 -14.44
CA CYS D 211 10.83 13.42 -15.60
C CYS D 211 11.24 11.97 -15.35
N SER D 212 11.67 11.67 -14.13
CA SER D 212 12.07 10.31 -13.75
C SER D 212 10.94 9.29 -13.90
N LYS D 213 9.71 9.65 -13.54
CA LYS D 213 8.59 8.71 -13.67
C LYS D 213 8.36 8.46 -15.17
N HIS D 214 8.42 9.53 -15.96
CA HIS D 214 8.19 9.41 -17.39
C HIS D 214 9.21 8.45 -18.03
N LEU D 215 10.49 8.62 -17.72
CA LEU D 215 11.53 7.73 -18.27
C LEU D 215 11.26 6.30 -17.84
N SER D 216 11.05 6.13 -16.54
CA SER D 216 10.77 4.84 -15.93
C SER D 216 9.58 4.09 -16.51
N VAL D 217 8.43 4.74 -16.58
CA VAL D 217 7.23 4.10 -17.07
C VAL D 217 7.23 3.81 -18.56
N VAL D 218 7.81 4.72 -19.35
CA VAL D 218 7.87 4.50 -20.77
C VAL D 218 8.74 3.28 -20.99
N ASN D 219 9.79 3.17 -20.20
CA ASN D 219 10.64 2.02 -20.34
C ASN D 219 9.90 0.76 -19.89
N ASP D 220 9.20 0.84 -18.75
CA ASP D 220 8.45 -0.31 -18.26
C ASP D 220 7.50 -0.79 -19.35
N ILE D 221 6.81 0.14 -19.99
CA ILE D 221 5.86 -0.17 -21.06
C ILE D 221 6.48 -1.04 -22.16
N TYR D 222 7.57 -0.60 -22.76
CA TYR D 222 8.19 -1.36 -23.83
C TYR D 222 9.06 -2.54 -23.43
N SER D 223 9.59 -2.52 -22.22
CA SER D 223 10.44 -3.61 -21.80
C SER D 223 9.69 -4.68 -21.05
N TYR D 224 8.37 -4.57 -20.97
CA TYR D 224 7.59 -5.57 -20.25
C TYR D 224 7.73 -7.00 -20.75
N GLU D 225 7.56 -7.23 -22.05
CA GLU D 225 7.68 -8.61 -22.55
C GLU D 225 9.04 -9.19 -22.19
N LYS D 226 10.10 -8.45 -22.53
CA LYS D 226 11.46 -8.88 -22.22
C LYS D 226 11.59 -9.25 -20.74
N GLU D 227 11.03 -8.42 -19.87
CA GLU D 227 11.15 -8.70 -18.44
C GLU D 227 10.25 -9.84 -18.02
N LEU D 228 9.11 -9.98 -18.69
CA LEU D 228 8.20 -11.07 -18.35
C LEU D 228 8.94 -12.36 -18.65
N TYR D 229 9.66 -12.36 -19.76
CA TYR D 229 10.42 -13.54 -20.15
C TYR D 229 11.51 -13.87 -19.15
N THR D 230 12.45 -12.96 -18.92
CA THR D 230 13.54 -13.24 -17.98
C THR D 230 12.94 -13.51 -16.61
N SER D 231 11.70 -13.12 -16.42
CA SER D 231 10.99 -13.33 -15.17
C SER D 231 10.77 -14.85 -14.99
N LYS D 232 10.42 -15.52 -16.07
CA LYS D 232 10.16 -16.95 -16.06
C LYS D 232 11.41 -17.79 -16.39
N THR D 233 12.48 -17.12 -16.81
CA THR D 233 13.69 -17.83 -17.19
C THR D 233 14.95 -17.51 -16.36
N ALA D 234 15.11 -16.27 -15.91
CA ALA D 234 16.29 -15.88 -15.14
C ALA D 234 16.23 -16.25 -13.66
N HIS D 235 17.11 -15.65 -12.87
CA HIS D 235 17.19 -15.92 -11.44
C HIS D 235 15.99 -15.42 -10.62
N SER D 236 15.61 -16.22 -9.62
CA SER D 236 14.49 -15.95 -8.73
C SER D 236 14.34 -14.52 -8.23
N GLU D 237 15.44 -13.87 -7.86
CA GLU D 237 15.33 -12.50 -7.40
C GLU D 237 15.96 -11.55 -8.42
N GLY D 238 17.07 -11.97 -9.01
CA GLY D 238 17.72 -11.15 -10.02
C GLY D 238 16.78 -10.74 -11.13
N GLY D 239 15.99 -11.68 -11.64
CA GLY D 239 15.08 -11.37 -12.71
C GLY D 239 13.66 -11.09 -12.22
N ILE D 240 13.52 -10.76 -10.95
CA ILE D 240 12.23 -10.46 -10.34
C ILE D 240 11.51 -9.40 -11.20
N LEU D 241 10.24 -9.65 -11.51
CA LEU D 241 9.47 -8.70 -12.31
C LEU D 241 9.00 -7.56 -11.40
N CYS D 242 9.63 -6.41 -11.56
CA CYS D 242 9.31 -5.21 -10.78
C CYS D 242 9.09 -4.08 -11.79
N THR D 243 7.83 -3.81 -12.12
CA THR D 243 7.49 -2.81 -13.13
C THR D 243 6.07 -2.25 -12.96
N SER D 244 5.90 -0.99 -13.29
CA SER D 244 4.61 -0.32 -13.17
C SER D 244 3.53 -1.01 -13.98
N VAL D 245 3.92 -1.66 -15.08
CA VAL D 245 2.96 -2.35 -15.93
C VAL D 245 2.29 -3.48 -15.17
N GLN D 246 3.09 -4.27 -14.46
CA GLN D 246 2.57 -5.38 -13.68
C GLN D 246 1.79 -4.85 -12.48
N ILE D 247 2.32 -3.81 -11.84
CA ILE D 247 1.67 -3.23 -10.68
C ILE D 247 0.27 -2.69 -11.03
N LEU D 248 0.18 -1.85 -12.04
CA LEU D 248 -1.11 -1.29 -12.41
C LEU D 248 -2.06 -2.37 -12.92
N ALA D 249 -1.54 -3.32 -13.71
CA ALA D 249 -2.37 -4.40 -14.21
C ALA D 249 -3.07 -5.14 -13.06
N GLN D 250 -2.32 -5.36 -11.99
CA GLN D 250 -2.83 -6.08 -10.82
C GLN D 250 -3.74 -5.17 -10.01
N GLU D 251 -3.31 -3.93 -9.79
CA GLU D 251 -4.16 -3.02 -9.03
C GLU D 251 -5.50 -2.74 -9.69
N ALA D 252 -5.55 -2.65 -11.02
CA ALA D 252 -6.82 -2.37 -11.72
C ALA D 252 -7.52 -3.63 -12.21
N ASP D 253 -6.78 -4.73 -12.17
CA ASP D 253 -7.20 -6.04 -12.65
C ASP D 253 -7.50 -6.00 -14.14
N VAL D 254 -6.53 -5.53 -14.91
CA VAL D 254 -6.67 -5.50 -16.35
C VAL D 254 -5.45 -6.22 -16.90
N THR D 255 -5.38 -6.36 -18.21
CA THR D 255 -4.27 -7.05 -18.80
C THR D 255 -3.08 -6.09 -18.76
N ALA D 256 -1.90 -6.65 -18.99
CA ALA D 256 -0.68 -5.89 -19.02
C ALA D 256 -0.77 -4.85 -20.11
N GLU D 257 -1.28 -5.26 -21.26
CA GLU D 257 -1.41 -4.38 -22.40
C GLU D 257 -2.37 -3.22 -22.12
N ALA D 258 -3.43 -3.51 -21.35
CA ALA D 258 -4.36 -2.45 -21.00
C ALA D 258 -3.59 -1.49 -20.11
N ALA D 259 -2.82 -2.06 -19.18
CA ALA D 259 -2.03 -1.26 -18.26
C ALA D 259 -1.11 -0.34 -19.01
N LYS D 260 -0.51 -0.87 -20.08
CA LYS D 260 0.40 -0.06 -20.88
C LYS D 260 -0.32 1.16 -21.45
N ARG D 261 -1.50 0.95 -22.02
CA ARG D 261 -2.25 2.08 -22.58
C ARG D 261 -2.62 3.10 -21.51
N VAL D 262 -2.95 2.67 -20.29
CA VAL D 262 -3.30 3.66 -19.25
C VAL D 262 -2.02 4.37 -18.78
N LEU D 263 -0.97 3.59 -18.55
CA LEU D 263 0.30 4.18 -18.12
C LEU D 263 0.82 5.15 -19.19
N PHE D 264 0.55 4.85 -20.46
CA PHE D 264 1.03 5.74 -21.49
C PHE D 264 0.33 7.08 -21.35
N VAL D 265 -0.98 7.06 -21.14
CA VAL D 265 -1.70 8.32 -20.99
C VAL D 265 -1.16 9.08 -19.79
N MET D 266 -0.82 8.35 -18.74
CA MET D 266 -0.30 8.98 -17.53
C MET D 266 1.01 9.72 -17.86
N CYS D 267 1.79 9.12 -18.74
CA CYS D 267 3.06 9.71 -19.14
C CYS D 267 2.80 11.05 -19.81
N ARG D 268 1.74 11.15 -20.60
CA ARG D 268 1.45 12.41 -21.24
C ARG D 268 1.09 13.43 -20.18
N GLU D 269 0.40 13.00 -19.13
CA GLU D 269 0.06 13.89 -18.04
C GLU D 269 1.34 14.40 -17.38
N TRP D 270 2.37 13.56 -17.31
CA TRP D 270 3.63 14.00 -16.72
C TRP D 270 4.30 14.99 -17.66
N GLU D 271 4.05 14.84 -18.97
CA GLU D 271 4.60 15.74 -19.95
C GLU D 271 3.97 17.13 -19.77
N LEU D 272 2.66 17.13 -19.54
CA LEU D 272 1.91 18.35 -19.33
C LEU D 272 2.46 18.97 -18.07
N ARG D 273 2.61 18.13 -17.05
CA ARG D 273 3.14 18.59 -15.76
C ARG D 273 4.51 19.24 -16.00
N HIS D 274 5.36 18.61 -16.80
CA HIS D 274 6.67 19.15 -17.09
C HIS D 274 6.56 20.57 -17.64
N GLN D 275 5.71 20.73 -18.66
CA GLN D 275 5.48 22.03 -19.29
C GLN D 275 5.00 23.04 -18.26
N LEU D 276 4.07 22.62 -17.41
CA LEU D 276 3.52 23.49 -16.36
C LEU D 276 4.58 23.91 -15.36
N LEU D 277 5.37 22.95 -14.88
CA LEU D 277 6.42 23.26 -13.91
C LEU D 277 7.48 24.18 -14.51
N VAL D 278 7.76 23.99 -15.79
CA VAL D 278 8.75 24.84 -16.45
C VAL D 278 8.22 26.27 -16.57
N ALA D 279 6.98 26.39 -17.03
CA ALA D 279 6.35 27.70 -17.17
C ALA D 279 6.36 28.36 -15.80
N ARG D 280 6.17 27.55 -14.76
CA ARG D 280 6.19 28.08 -13.40
C ARG D 280 7.57 28.66 -13.10
N LEU D 281 8.60 27.87 -13.35
CA LEU D 281 9.98 28.29 -13.10
C LEU D 281 10.25 29.55 -13.90
N SER D 282 9.67 29.61 -15.10
CA SER D 282 9.83 30.75 -16.00
C SER D 282 8.95 31.90 -15.55
N ALA D 283 7.76 31.59 -15.04
CA ALA D 283 6.84 32.61 -14.54
C ALA D 283 7.56 33.37 -13.43
N GLU D 284 7.95 32.67 -12.37
CA GLU D 284 8.70 33.33 -11.31
C GLU D 284 10.05 33.57 -11.97
N GLY D 285 10.69 34.70 -11.69
CA GLY D 285 11.97 34.94 -12.31
C GLY D 285 13.01 33.96 -11.80
N LEU D 286 12.94 32.70 -12.25
CA LEU D 286 13.88 31.69 -11.79
C LEU D 286 14.57 30.93 -12.92
N GLU D 287 13.96 30.97 -14.11
CA GLU D 287 14.51 30.26 -15.25
C GLU D 287 15.77 30.92 -15.81
N THR D 288 16.93 30.47 -15.33
CA THR D 288 18.22 30.99 -15.79
C THR D 288 18.55 30.29 -17.11
N PRO D 289 19.45 30.87 -17.91
CA PRO D 289 19.82 30.27 -19.20
C PRO D 289 20.28 28.82 -19.09
N GLY D 290 20.99 28.49 -18.01
CA GLY D 290 21.48 27.14 -17.80
C GLY D 290 20.31 26.19 -17.61
N LEU D 291 19.36 26.60 -16.77
CA LEU D 291 18.16 25.82 -16.49
C LEU D 291 17.35 25.60 -17.75
N ALA D 292 17.20 26.65 -18.56
CA ALA D 292 16.44 26.53 -19.79
C ALA D 292 17.09 25.43 -20.60
N ALA D 293 18.41 25.45 -20.64
CA ALA D 293 19.18 24.46 -21.36
C ALA D 293 18.93 23.07 -20.79
N TYR D 294 18.82 23.01 -19.46
CA TYR D 294 18.59 21.77 -18.73
C TYR D 294 17.18 21.20 -18.92
N VAL D 295 16.17 21.97 -18.53
CA VAL D 295 14.78 21.49 -18.65
C VAL D 295 14.47 21.06 -20.08
N GLU D 296 15.00 21.77 -21.06
CA GLU D 296 14.78 21.37 -22.43
C GLU D 296 15.55 20.06 -22.68
N GLY D 297 16.67 19.92 -21.98
CA GLY D 297 17.46 18.71 -22.11
C GLY D 297 16.66 17.52 -21.60
N LEU D 298 15.95 17.70 -20.49
CA LEU D 298 15.15 16.63 -19.93
C LEU D 298 14.10 16.19 -20.93
N GLU D 299 13.47 17.17 -21.59
CA GLU D 299 12.45 16.84 -22.56
C GLU D 299 13.05 15.91 -23.62
N TYR D 300 14.24 16.26 -24.10
CA TYR D 300 14.88 15.39 -25.09
C TYR D 300 15.06 13.99 -24.53
N GLN D 301 15.34 13.88 -23.23
CA GLN D 301 15.54 12.56 -22.66
C GLN D 301 14.23 11.78 -22.69
N MET D 302 13.14 12.44 -22.36
CA MET D 302 11.86 11.78 -22.34
C MET D 302 11.41 11.35 -23.73
N SER D 303 11.57 12.22 -24.72
CA SER D 303 11.17 11.83 -26.06
C SER D 303 12.20 10.86 -26.66
N GLY D 304 13.49 11.16 -26.50
CA GLY D 304 14.49 10.26 -27.03
C GLY D 304 14.25 8.86 -26.49
N ASN D 305 14.05 8.77 -25.18
CA ASN D 305 13.81 7.49 -24.51
C ASN D 305 12.64 6.73 -25.12
N GLU D 306 11.53 7.43 -25.34
CA GLU D 306 10.34 6.81 -25.93
C GLU D 306 10.62 6.26 -27.34
N LEU D 307 11.19 7.11 -28.19
CA LEU D 307 11.49 6.74 -29.56
C LEU D 307 12.36 5.49 -29.65
N TRP D 308 13.43 5.46 -28.85
CA TRP D 308 14.32 4.31 -28.85
C TRP D 308 13.57 3.09 -28.36
N SER D 309 12.79 3.27 -27.30
CA SER D 309 12.00 2.17 -26.74
C SER D 309 11.03 1.60 -27.76
N GLN D 310 10.46 2.47 -28.59
CA GLN D 310 9.50 2.02 -29.60
C GLN D 310 10.16 1.25 -30.73
N THR D 311 11.45 1.47 -30.94
CA THR D 311 12.15 0.83 -32.03
C THR D 311 13.18 -0.27 -31.73
N THR D 312 14.06 -0.04 -30.75
CA THR D 312 15.09 -1.02 -30.46
C THR D 312 14.63 -2.46 -30.44
N LEU D 313 15.47 -3.31 -31.00
CA LEU D 313 15.19 -4.73 -31.04
C LEU D 313 15.43 -5.33 -29.66
N ARG D 314 16.07 -4.56 -28.78
CA ARG D 314 16.31 -5.05 -27.42
C ARG D 314 14.94 -5.31 -26.78
N TYR D 315 13.92 -4.57 -27.22
CA TYR D 315 12.57 -4.76 -26.68
C TYR D 315 11.63 -5.60 -27.57
N SER D 316 12.12 -6.03 -28.73
CA SER D 316 11.35 -6.89 -29.64
C SER D 316 12.12 -8.20 -29.81
N VAL D 317 12.19 -9.00 -28.74
CA VAL D 317 12.96 -10.24 -28.78
C VAL D 317 12.70 -11.29 -27.69
N VAL D 318 13.14 -12.51 -27.98
CA VAL D 318 13.01 -13.65 -27.09
C VAL D 318 13.84 -13.50 -25.82
C1 BME E . -32.59 11.52 -19.70
C2 BME E . -32.38 10.01 -19.72
O1 BME E . -31.60 12.15 -20.54
S2 BME E . -33.56 9.21 -18.59
C1 BME F . -9.25 -31.73 23.75
C2 BME F . -9.22 -30.22 23.83
O1 BME F . -7.92 -32.17 24.01
S2 BME F . -10.90 -29.65 23.50
MG MG G . 17.33 -3.02 -14.75
MG MG H . 12.51 -2.23 -18.27
MG MG I . 16.92 -4.26 -17.07
C1 BME J . 18.90 7.75 -34.18
C2 BME J . 20.25 7.95 -33.58
O1 BME J . 19.07 6.70 -35.16
S2 BME J . 20.17 9.24 -32.35
C1 BME K . 8.46 -6.08 -6.85
C2 BME K . 7.43 -4.99 -6.97
O1 BME K . 7.77 -7.32 -6.52
S2 BME K . 8.28 -3.53 -7.45
P1 POP L . 15.60 -0.98 -17.17
O1 POP L . 14.08 -1.15 -17.08
O2 POP L . 16.27 -2.20 -16.53
O3 POP L . 16.03 0.32 -16.33
O POP L . 16.13 -0.84 -18.74
P2 POP L . 15.71 -2.12 -19.69
O4 POP L . 14.21 -2.20 -19.83
O5 POP L . 16.23 -3.44 -19.11
O6 POP L . 16.34 -1.87 -21.15
C1 GOL M . 18.97 -7.60 -10.88
O1 GOL M . 18.21 -7.64 -9.66
C2 GOL M . 18.28 -6.66 -11.84
O2 GOL M . 18.20 -5.33 -11.25
C3 GOL M . 19.07 -6.60 -13.15
O3 GOL M . 18.63 -5.50 -13.96
#